data_5HR6
#
_entry.id   5HR6
#
_cell.length_a   88.664
_cell.length_b   69.821
_cell.length_c   149.298
_cell.angle_alpha   90.00
_cell.angle_beta   90.30
_cell.angle_gamma   90.00
#
_symmetry.space_group_name_H-M   'P 1 21 1'
#
loop_
_entity.id
_entity.type
_entity.pdbx_description
1 polymer 'RlmN methylase'
2 polymer 'tRNA Glu'
3 non-polymer METHIONINE
4 non-polymer 'IRON/SULFUR CLUSTER'
5 non-polymer "5'-DEOXYADENOSINE"
6 non-polymer 'MAGNESIUM ION'
7 water water
#
loop_
_entity_poly.entity_id
_entity_poly.type
_entity_poly.pdbx_seq_one_letter_code
_entity_poly.pdbx_strand_id
1 'polypeptide(L)'
;MSEQLVTPENVTTKDGKINLLDLNRQQMREFFKDLGEKPFRADQVMKWMYHYCCDNFDEMTDINKVLRGKLKEVAEIRAP
EVVEEQRSSDGTIKWAIAVGDQRVETVYIPEDDRATLAVSSQVGCALECKFCSTAQQGFNRNLRVSEIIGQVWRAAKIVG
AAKVTGQRPITNVVMMGMGEPLLNLNNVVPAMEIMLDDFGFGLSKRRVTLSTSGVVPALDKLGDMIDVALAISLHAPNDE
IRDEIVPINKKYNIETFLAAVRRYLEKSNANQGRVTIEYVMLDHVNDGTEHAHQLAELLKDTPCKINLIPWNPFPGAPYG
RSSNSRIDRFSKVLMSYGFTTIVRKTRGDDIDAA(SMC)GQLAGDVIDRTKRTLRKRMQGEAIDIKAVGNSSSVDKLAAA
LEHHHHHH
;
A,B
2 'polyribonucleotide' CCCCUUCGUCUAGAGGCCCAGGACACCGCCCUUUCACGGCGGUAACAGGGGUUCGAAUCCCCUAGGGG C,D
#
loop_
_chem_comp.id
_chem_comp.type
_chem_comp.name
_chem_comp.formula
5AD non-polymer 5'-DEOXYADENOSINE 'C10 H13 N5 O3'
A RNA linking ADENOSINE-5'-MONOPHOSPHATE 'C10 H14 N5 O7 P'
C RNA linking CYTIDINE-5'-MONOPHOSPHATE 'C9 H14 N3 O8 P'
G RNA linking GUANOSINE-5'-MONOPHOSPHATE 'C10 H14 N5 O8 P'
MG non-polymer 'MAGNESIUM ION' 'Mg 2'
SF4 non-polymer 'IRON/SULFUR CLUSTER' 'Fe4 S4'
U RNA linking URIDINE-5'-MONOPHOSPHATE 'C9 H13 N2 O9 P'
#
# COMPACT_ATOMS: atom_id res chain seq x y z
N ILE A 18 40.21 3.40 4.84
CA ILE A 18 39.19 2.50 5.51
C ILE A 18 37.79 2.72 4.97
N ASN A 19 37.26 1.63 4.38
CA ASN A 19 36.04 1.63 3.59
C ASN A 19 34.91 0.92 4.35
N LEU A 20 33.84 1.67 4.61
CA LEU A 20 32.78 1.23 5.50
C LEU A 20 31.85 0.20 4.88
N LEU A 21 31.99 0.00 3.57
CA LEU A 21 31.31 -1.10 2.90
C LEU A 21 31.96 -2.45 3.24
N ASP A 22 33.18 -2.45 3.76
CA ASP A 22 33.78 -3.68 4.31
C ASP A 22 33.21 -4.03 5.69
N LEU A 23 32.45 -3.12 6.31
CA LEU A 23 32.07 -3.26 7.71
C LEU A 23 30.61 -3.53 7.97
N ASN A 24 30.39 -4.52 8.83
CA ASN A 24 29.07 -4.81 9.40
C ASN A 24 28.83 -3.95 10.66
N ARG A 25 27.76 -4.18 11.39
CA ARG A 25 27.32 -3.19 12.39
C ARG A 25 28.20 -3.16 13.64
N GLN A 26 28.41 -4.34 14.20
CA GLN A 26 29.40 -4.55 15.24
C GLN A 26 30.67 -3.78 14.88
N GLN A 27 31.24 -4.09 13.74
CA GLN A 27 32.50 -3.48 13.33
C GLN A 27 32.45 -1.94 13.16
N MET A 28 31.32 -1.42 12.71
CA MET A 28 31.18 0.01 12.50
C MET A 28 30.99 0.78 13.81
N ARG A 29 30.39 0.07 14.76
CA ARG A 29 30.30 0.55 16.11
C ARG A 29 31.74 0.65 16.62
N GLU A 30 32.44 -0.49 16.66
CA GLU A 30 33.86 -0.54 16.97
C GLU A 30 34.52 0.69 16.41
N PHE A 31 34.39 0.84 15.09
CA PHE A 31 35.01 1.95 14.37
C PHE A 31 34.71 3.33 14.95
N PHE A 32 33.42 3.58 15.21
CA PHE A 32 33.00 4.85 15.80
C PHE A 32 33.42 5.05 17.27
N LYS A 33 33.57 3.97 18.05
CA LYS A 33 34.16 4.11 19.38
C LYS A 33 35.59 4.55 19.19
N ASP A 34 36.32 3.88 18.30
CA ASP A 34 37.73 4.24 18.01
C ASP A 34 37.92 5.69 17.54
N LEU A 35 36.86 6.45 17.29
CA LEU A 35 36.92 7.88 16.96
C LEU A 35 36.33 8.76 18.08
N GLY A 36 36.22 8.19 19.27
CA GLY A 36 35.72 8.91 20.44
C GLY A 36 34.31 9.39 20.32
N GLU A 37 33.51 8.65 19.55
CA GLU A 37 32.16 9.06 19.15
C GLU A 37 31.15 7.97 19.47
N LYS A 38 29.90 8.36 19.68
CA LYS A 38 28.89 7.41 20.18
C LYS A 38 28.43 6.36 19.14
N PRO A 39 28.08 5.14 19.61
CA PRO A 39 27.85 4.04 18.67
C PRO A 39 26.55 4.14 17.84
N PHE A 40 25.61 4.99 18.25
CA PHE A 40 24.43 5.26 17.41
C PHE A 40 24.83 5.97 16.10
N ARG A 41 26.00 6.62 16.08
CA ARG A 41 26.55 7.15 14.82
C ARG A 41 26.71 6.08 13.69
N ALA A 42 27.07 4.86 14.09
CA ALA A 42 27.09 3.75 13.16
C ALA A 42 25.72 3.45 12.53
N ASP A 43 24.64 3.69 13.27
CA ASP A 43 23.30 3.45 12.73
C ASP A 43 22.92 4.53 11.71
N GLN A 44 23.31 5.76 12.02
CA GLN A 44 22.99 6.88 11.15
C GLN A 44 23.66 6.73 9.80
N VAL A 45 24.93 6.36 9.83
CA VAL A 45 25.73 6.29 8.62
C VAL A 45 25.26 5.11 7.76
N MET A 46 25.04 3.95 8.39
CA MET A 46 24.46 2.83 7.67
C MET A 46 23.15 3.22 6.99
N LYS A 47 22.30 3.97 7.67
CA LYS A 47 21.04 4.38 7.04
C LYS A 47 21.30 5.18 5.79
N TRP A 48 22.22 6.14 5.83
CA TRP A 48 22.52 6.92 4.64
C TRP A 48 23.02 6.00 3.53
N MET A 49 23.99 5.15 3.90
CA MET A 49 24.65 4.24 2.97
C MET A 49 23.70 3.25 2.29
N TYR A 50 22.95 2.49 3.08
CA TYR A 50 22.11 1.44 2.54
C TYR A 50 20.66 1.85 2.21
N HIS A 51 20.06 2.79 2.96
CA HIS A 51 18.66 3.22 2.68
C HIS A 51 18.55 4.27 1.56
N TYR A 52 19.59 5.11 1.45
CA TYR A 52 19.69 6.11 0.39
C TYR A 52 20.82 5.84 -0.62
N CYS A 53 21.67 4.85 -0.38
CA CYS A 53 22.78 4.63 -1.28
C CYS A 53 23.61 5.91 -1.43
N CYS A 54 23.96 6.53 -0.30
CA CYS A 54 24.89 7.68 -0.23
C CYS A 54 26.36 7.25 -0.18
N ASP A 55 27.22 7.87 -0.98
CA ASP A 55 28.68 7.55 -0.93
C ASP A 55 29.46 8.82 -0.69
N ASN A 56 28.93 9.62 0.23
CA ASN A 56 29.30 11.01 0.33
C ASN A 56 28.85 11.64 1.62
N PHE A 57 29.76 11.73 2.57
CA PHE A 57 29.42 12.14 3.90
C PHE A 57 28.80 13.53 4.00
N ASP A 58 29.01 14.39 2.99
CA ASP A 58 28.47 15.77 3.03
C ASP A 58 26.98 15.86 2.84
N GLU A 59 26.29 14.73 2.81
CA GLU A 59 24.85 14.72 2.57
C GLU A 59 24.12 14.17 3.76
N MET A 60 24.89 13.84 4.79
CA MET A 60 24.37 13.18 5.96
C MET A 60 23.96 14.33 6.86
N THR A 61 22.77 14.87 6.54
CA THR A 61 22.26 16.16 7.06
C THR A 61 22.10 16.19 8.57
N ASP A 62 22.02 15.03 9.21
CA ASP A 62 21.75 14.94 10.62
C ASP A 62 22.98 14.54 11.44
N ILE A 63 24.17 14.73 10.84
CA ILE A 63 25.44 14.57 11.54
C ILE A 63 26.14 15.92 11.56
N ASN A 64 26.53 16.36 12.76
CA ASN A 64 27.14 17.68 12.93
C ASN A 64 28.33 17.86 12.00
N LYS A 65 28.48 19.09 11.49
CA LYS A 65 29.46 19.34 10.45
C LYS A 65 30.93 18.97 10.77
N VAL A 66 31.33 18.91 12.06
CA VAL A 66 32.74 18.61 12.40
C VAL A 66 33.06 17.13 12.19
N LEU A 67 32.13 16.27 12.59
CA LEU A 67 32.29 14.82 12.46
C LEU A 67 32.12 14.38 11.02
N ARG A 68 31.10 14.95 10.37
CA ARG A 68 30.90 14.80 8.94
C ARG A 68 32.25 14.97 8.18
N GLY A 69 33.06 15.94 8.63
CA GLY A 69 34.39 16.16 8.07
C GLY A 69 35.47 15.24 8.63
N LYS A 70 35.30 14.82 9.88
CA LYS A 70 36.23 13.90 10.49
C LYS A 70 36.23 12.61 9.66
N LEU A 71 35.05 12.16 9.26
CA LEU A 71 34.89 10.93 8.45
C LEU A 71 35.61 10.97 7.12
N LYS A 72 35.55 12.11 6.43
CA LYS A 72 36.18 12.27 5.10
C LYS A 72 37.68 12.05 5.14
N GLU A 73 38.30 12.33 6.29
CA GLU A 73 39.74 12.17 6.46
C GLU A 73 40.09 10.72 6.71
N VAL A 74 39.32 10.07 7.57
CA VAL A 74 39.67 8.74 8.06
C VAL A 74 39.04 7.58 7.25
N ALA A 75 37.94 7.83 6.54
CA ALA A 75 37.15 6.76 5.90
C ALA A 75 36.53 7.13 4.56
N GLU A 76 35.95 6.14 3.89
CA GLU A 76 35.30 6.31 2.58
C GLU A 76 34.24 5.22 2.32
N ILE A 77 33.45 5.41 1.27
CA ILE A 77 32.41 4.46 0.91
C ILE A 77 32.58 4.13 -0.58
N ARG A 78 33.38 3.09 -0.86
CA ARG A 78 33.73 2.72 -2.23
C ARG A 78 33.16 1.36 -2.60
N ALA A 79 32.12 1.39 -3.43
CA ALA A 79 31.57 0.20 -4.10
C ALA A 79 32.31 0.00 -5.38
N PRO A 80 32.49 -1.26 -5.83
CA PRO A 80 33.07 -1.51 -7.14
C PRO A 80 32.24 -0.91 -8.22
N GLU A 81 32.90 -0.52 -9.29
CA GLU A 81 32.24 0.19 -10.35
C GLU A 81 31.56 -0.76 -11.29
N VAL A 82 30.38 -0.34 -11.75
CA VAL A 82 29.67 -1.06 -12.80
C VAL A 82 30.28 -0.63 -14.10
N VAL A 83 30.60 -1.58 -14.95
CA VAL A 83 31.15 -1.30 -16.23
C VAL A 83 30.42 -1.99 -17.36
N GLU A 84 29.31 -2.68 -17.09
CA GLU A 84 28.48 -3.09 -18.18
C GLU A 84 27.06 -3.27 -17.67
N GLU A 85 26.11 -3.23 -18.61
CA GLU A 85 24.74 -3.45 -18.28
C GLU A 85 24.07 -4.02 -19.49
N GLN A 86 23.19 -4.98 -19.25
CA GLN A 86 22.52 -5.66 -20.33
C GLN A 86 21.10 -5.91 -19.88
N ARG A 87 20.14 -5.57 -20.74
CA ARG A 87 18.71 -5.75 -20.44
C ARG A 87 18.20 -6.91 -21.27
N SER A 88 17.35 -7.74 -20.69
CA SER A 88 16.79 -8.88 -21.39
C SER A 88 15.33 -8.61 -21.69
N SER A 89 14.78 -9.23 -22.72
CA SER A 89 13.33 -9.14 -22.91
C SER A 89 12.53 -9.52 -21.64
N ASP A 90 13.05 -10.44 -20.81
CA ASP A 90 12.41 -10.88 -19.53
C ASP A 90 12.11 -9.70 -18.71
N GLY A 91 12.98 -8.69 -18.78
CA GLY A 91 13.01 -7.68 -17.76
C GLY A 91 14.28 -7.81 -16.94
N THR A 92 15.01 -8.91 -17.17
CA THR A 92 16.15 -9.24 -16.35
C THR A 92 17.32 -8.38 -16.77
N ILE A 93 18.08 -7.90 -15.77
CA ILE A 93 19.27 -7.06 -16.00
C ILE A 93 20.51 -7.68 -15.38
N LYS A 94 21.64 -7.57 -16.06
CA LYS A 94 22.89 -8.08 -15.58
C LYS A 94 23.93 -6.97 -15.69
N TRP A 95 24.62 -6.67 -14.58
CA TRP A 95 25.70 -5.70 -14.55
C TRP A 95 27.03 -6.41 -14.30
N ALA A 96 28.08 -6.04 -15.02
CA ALA A 96 29.41 -6.57 -14.78
C ALA A 96 30.10 -5.61 -13.88
N ILE A 97 30.66 -6.06 -12.78
CA ILE A 97 31.42 -5.11 -11.95
C ILE A 97 32.92 -5.33 -11.96
N ALA A 98 33.62 -4.22 -11.90
CA ALA A 98 35.05 -4.19 -11.99
C ALA A 98 35.60 -4.49 -10.62
N VAL A 99 36.56 -5.40 -10.62
CA VAL A 99 37.10 -5.96 -9.40
C VAL A 99 38.58 -6.13 -9.69
N GLY A 100 39.31 -5.02 -9.57
CA GLY A 100 40.68 -4.90 -10.14
C GLY A 100 40.66 -5.06 -11.67
N ASP A 101 41.48 -5.95 -12.24
CA ASP A 101 41.47 -6.15 -13.68
C ASP A 101 40.35 -7.09 -14.10
N GLN A 102 39.69 -7.67 -13.10
CA GLN A 102 38.84 -8.82 -13.33
C GLN A 102 37.38 -8.35 -13.28
N ARG A 103 36.46 -9.22 -13.69
CA ARG A 103 35.04 -8.91 -13.52
C ARG A 103 34.20 -10.04 -12.95
N VAL A 104 33.32 -9.68 -12.02
CA VAL A 104 32.25 -10.57 -11.62
C VAL A 104 30.96 -9.91 -12.12
N GLU A 105 29.84 -10.59 -12.00
CA GLU A 105 28.61 -10.17 -12.62
C GLU A 105 27.49 -10.36 -11.58
N THR A 106 26.41 -9.58 -11.74
CA THR A 106 25.32 -9.49 -10.75
C THR A 106 23.98 -9.39 -11.49
N VAL A 107 23.01 -10.20 -11.07
CA VAL A 107 21.75 -10.33 -11.81
C VAL A 107 20.52 -9.89 -11.01
N TYR A 108 19.75 -8.99 -11.62
CA TYR A 108 18.49 -8.44 -11.08
C TYR A 108 17.33 -9.08 -11.81
N ILE A 109 16.44 -9.68 -11.03
CA ILE A 109 15.31 -10.46 -11.57
C ILE A 109 13.98 -9.98 -10.98
N PRO A 110 13.21 -9.20 -11.77
CA PRO A 110 11.92 -8.69 -11.37
C PRO A 110 10.83 -9.72 -11.65
N GLU A 111 9.99 -10.05 -10.66
CA GLU A 111 8.75 -10.84 -10.82
C GLU A 111 7.62 -9.93 -10.44
N ASP A 112 6.37 -10.38 -10.50
CA ASP A 112 5.25 -9.47 -10.21
C ASP A 112 5.33 -8.81 -8.85
N ASP A 113 5.35 -9.61 -7.81
CA ASP A 113 5.29 -9.16 -6.43
C ASP A 113 6.65 -9.14 -5.76
N ARG A 114 7.76 -9.17 -6.50
CA ARG A 114 9.09 -9.22 -5.86
C ARG A 114 10.27 -8.95 -6.82
N ALA A 115 11.42 -8.66 -6.25
CA ALA A 115 12.62 -8.43 -7.03
C ALA A 115 13.85 -9.08 -6.38
N THR A 116 14.64 -9.75 -7.19
CA THR A 116 15.63 -10.66 -6.64
C THR A 116 16.98 -10.34 -7.25
N LEU A 117 17.99 -10.20 -6.42
CA LEU A 117 19.37 -10.00 -6.89
C LEU A 117 20.23 -11.26 -6.72
N ALA A 118 20.67 -11.87 -7.81
CA ALA A 118 21.74 -12.87 -7.72
C ALA A 118 23.10 -12.15 -7.62
N VAL A 119 23.85 -12.53 -6.61
CA VAL A 119 25.12 -11.95 -6.20
C VAL A 119 26.30 -12.92 -6.32
N SER A 120 27.40 -12.45 -6.88
CA SER A 120 28.61 -13.24 -7.02
C SER A 120 29.36 -13.23 -5.70
N SER A 121 30.04 -14.34 -5.38
CA SER A 121 30.76 -14.41 -4.12
C SER A 121 32.22 -14.78 -4.23
N GLN A 122 32.67 -15.23 -5.41
CA GLN A 122 34.13 -15.35 -5.72
C GLN A 122 34.38 -14.91 -7.15
N VAL A 123 35.67 -14.74 -7.49
CA VAL A 123 36.11 -14.39 -8.85
C VAL A 123 36.43 -15.67 -9.63
N GLY A 124 35.45 -16.18 -10.35
CA GLY A 124 35.42 -17.58 -10.79
C GLY A 124 34.91 -18.52 -9.70
N CYS A 125 35.20 -19.82 -9.85
CA CYS A 125 34.94 -20.77 -8.81
C CYS A 125 36.05 -21.82 -8.76
N ALA A 126 36.42 -22.13 -7.52
CA ALA A 126 37.41 -23.15 -7.19
C ALA A 126 36.91 -24.58 -7.53
N LEU A 127 35.58 -24.72 -7.55
CA LEU A 127 34.95 -25.98 -7.88
C LEU A 127 34.86 -26.14 -9.41
N GLU A 128 34.50 -27.37 -9.84
CA GLU A 128 34.56 -27.76 -11.23
C GLU A 128 33.26 -28.40 -11.71
N CYS A 129 32.13 -27.86 -11.30
CA CYS A 129 30.90 -28.44 -11.81
C CYS A 129 30.98 -28.48 -13.34
N LYS A 130 30.65 -29.61 -13.95
CA LYS A 130 30.81 -29.74 -15.40
C LYS A 130 29.73 -29.07 -16.20
N PHE A 131 28.63 -28.70 -15.56
CA PHE A 131 27.51 -28.11 -16.29
C PHE A 131 27.48 -26.61 -16.10
N CYS A 132 28.50 -26.09 -15.41
CA CYS A 132 28.60 -24.68 -15.06
C CYS A 132 29.65 -23.91 -15.88
N SER A 133 29.22 -22.79 -16.42
CA SER A 133 30.09 -21.84 -17.13
C SER A 133 31.01 -21.07 -16.19
N THR A 134 30.61 -20.77 -14.95
CA THR A 134 31.58 -20.11 -14.05
C THR A 134 32.78 -21.05 -13.85
N ALA A 135 32.49 -22.35 -13.75
CA ALA A 135 33.55 -23.35 -13.58
C ALA A 135 34.55 -23.33 -14.68
N GLN A 136 34.17 -22.98 -15.92
CA GLN A 136 35.03 -23.15 -17.10
C GLN A 136 35.98 -21.97 -17.26
N GLN A 137 35.57 -20.81 -16.76
CA GLN A 137 36.51 -19.72 -16.43
C GLN A 137 37.23 -20.31 -15.26
N GLY A 138 38.45 -19.98 -14.95
CA GLY A 138 38.99 -20.68 -13.73
C GLY A 138 38.61 -20.06 -12.36
N PHE A 139 39.61 -19.84 -11.51
CA PHE A 139 39.44 -19.31 -10.17
C PHE A 139 40.57 -18.36 -9.90
N ASN A 140 40.28 -17.20 -9.37
CA ASN A 140 41.33 -16.29 -8.99
C ASN A 140 41.34 -16.01 -7.46
N ARG A 141 40.31 -15.39 -6.96
CA ARG A 141 40.33 -15.06 -5.56
C ARG A 141 38.92 -14.97 -5.00
N ASN A 142 38.83 -14.88 -3.69
CA ASN A 142 37.58 -14.56 -3.02
C ASN A 142 37.30 -13.08 -3.16
N LEU A 143 36.04 -12.69 -2.98
CA LEU A 143 35.69 -11.31 -3.02
C LEU A 143 35.69 -10.83 -1.58
N ARG A 144 36.15 -9.60 -1.39
CA ARG A 144 36.06 -8.94 -0.10
C ARG A 144 34.60 -8.57 0.21
N VAL A 145 34.33 -8.29 1.48
CA VAL A 145 32.97 -7.87 1.88
C VAL A 145 32.41 -6.75 1.03
N SER A 146 33.18 -5.65 0.90
CA SER A 146 32.72 -4.50 0.11
C SER A 146 32.41 -4.87 -1.35
N GLU A 147 33.01 -5.94 -1.88
CA GLU A 147 32.75 -6.32 -3.27
C GLU A 147 31.52 -7.20 -3.36
N ILE A 148 31.09 -7.77 -2.23
CA ILE A 148 29.88 -8.58 -2.20
C ILE A 148 28.73 -7.64 -1.96
N ILE A 149 28.70 -6.99 -0.79
CA ILE A 149 27.60 -6.09 -0.46
C ILE A 149 27.55 -4.92 -1.43
N GLY A 150 28.68 -4.62 -2.05
CA GLY A 150 28.78 -3.62 -3.09
C GLY A 150 27.90 -3.91 -4.28
N GLN A 151 27.72 -5.20 -4.56
CA GLN A 151 26.85 -5.60 -5.64
C GLN A 151 25.44 -5.22 -5.26
N VAL A 152 25.08 -5.41 -4.00
CA VAL A 152 23.71 -5.08 -3.61
C VAL A 152 23.56 -3.57 -3.57
N TRP A 153 24.64 -2.87 -3.19
CA TRP A 153 24.64 -1.40 -3.15
C TRP A 153 24.42 -0.79 -4.55
N ARG A 154 25.24 -1.13 -5.53
CA ARG A 154 25.06 -0.57 -6.89
C ARG A 154 23.71 -0.87 -7.50
N ALA A 155 23.22 -2.09 -7.26
CA ALA A 155 21.99 -2.53 -7.90
C ALA A 155 20.83 -1.81 -7.27
N ALA A 156 20.91 -1.58 -5.97
CA ALA A 156 19.91 -0.75 -5.30
C ALA A 156 19.90 0.72 -5.81
N LYS A 157 21.08 1.29 -6.04
CA LYS A 157 21.14 2.67 -6.49
C LYS A 157 20.62 2.72 -7.91
N ILE A 158 21.14 1.91 -8.81
CA ILE A 158 20.71 1.92 -10.20
C ILE A 158 19.22 1.65 -10.37
N VAL A 159 18.63 0.72 -9.63
CA VAL A 159 17.20 0.43 -9.80
C VAL A 159 16.30 1.56 -9.34
N GLY A 160 16.73 2.28 -8.32
CA GLY A 160 15.87 3.24 -7.60
C GLY A 160 15.98 2.94 -6.10
N ALA A 161 16.76 3.76 -5.36
CA ALA A 161 17.07 3.54 -3.92
C ALA A 161 15.82 3.58 -3.06
N ALA A 162 15.86 2.93 -1.88
CA ALA A 162 14.61 2.67 -1.10
C ALA A 162 13.84 3.96 -0.71
N LYS A 163 14.45 4.83 0.09
CA LYS A 163 13.87 6.14 0.38
C LYS A 163 14.36 7.18 -0.65
N VAL A 164 14.27 6.85 -1.92
CA VAL A 164 14.52 7.81 -3.03
C VAL A 164 13.44 7.63 -4.12
N THR A 165 13.06 6.37 -4.42
CA THR A 165 11.90 6.07 -5.26
C THR A 165 10.61 5.78 -4.42
N GLY A 166 10.76 5.61 -3.11
CA GLY A 166 9.66 5.14 -2.26
C GLY A 166 9.52 3.62 -2.12
N GLN A 167 10.22 2.84 -2.95
CA GLN A 167 10.07 1.39 -2.95
C GLN A 167 11.36 0.68 -2.66
N ARG A 168 11.27 -0.51 -2.07
CA ARG A 168 12.40 -1.44 -1.93
C ARG A 168 12.83 -1.77 -3.33
N PRO A 169 14.09 -1.48 -3.69
CA PRO A 169 14.48 -1.93 -5.03
C PRO A 169 14.65 -3.47 -5.09
N ILE A 170 15.11 -4.06 -3.97
CA ILE A 170 15.41 -5.46 -3.84
C ILE A 170 14.63 -6.02 -2.65
N THR A 171 13.94 -7.14 -2.82
CA THR A 171 13.21 -7.85 -1.73
C THR A 171 13.84 -9.20 -1.28
N ASN A 172 14.53 -9.84 -2.21
CA ASN A 172 15.18 -11.10 -1.98
C ASN A 172 16.63 -11.01 -2.49
N VAL A 173 17.55 -11.66 -1.81
CA VAL A 173 18.86 -11.95 -2.41
C VAL A 173 19.23 -13.44 -2.45
N VAL A 174 19.89 -13.84 -3.52
CA VAL A 174 20.35 -15.19 -3.63
C VAL A 174 21.84 -15.20 -3.91
N MET A 175 22.57 -16.07 -3.21
CA MET A 175 23.98 -16.23 -3.42
C MET A 175 24.08 -17.32 -4.44
N MET A 176 23.84 -16.93 -5.69
CA MET A 176 23.73 -17.85 -6.79
C MET A 176 24.42 -17.30 -8.01
N GLY A 177 25.32 -16.36 -7.78
CA GLY A 177 26.11 -15.77 -8.87
C GLY A 177 27.35 -16.62 -9.06
N MET A 178 28.51 -15.98 -9.20
CA MET A 178 29.74 -16.68 -9.46
C MET A 178 30.38 -17.08 -8.15
N GLY A 179 30.88 -18.31 -8.11
CA GLY A 179 31.65 -18.83 -6.96
C GLY A 179 30.84 -19.66 -5.98
N GLU A 180 31.55 -20.36 -5.11
CA GLU A 180 30.93 -21.20 -4.09
C GLU A 180 30.96 -20.40 -2.79
N PRO A 181 29.76 -20.09 -2.21
CA PRO A 181 29.75 -19.15 -1.07
C PRO A 181 30.47 -19.62 0.16
N LEU A 182 30.47 -20.93 0.38
CA LEU A 182 30.90 -21.51 1.64
C LEU A 182 32.41 -21.62 1.61
N LEU A 183 33.00 -21.35 0.45
CA LEU A 183 34.46 -21.23 0.42
C LEU A 183 34.95 -19.78 0.66
N ASN A 184 34.06 -18.87 1.04
CA ASN A 184 34.44 -17.49 1.34
C ASN A 184 33.58 -16.98 2.53
N LEU A 185 33.36 -17.82 3.53
CA LEU A 185 32.60 -17.44 4.71
C LEU A 185 33.07 -16.14 5.31
N ASN A 186 34.38 -15.93 5.34
CA ASN A 186 34.93 -14.71 5.93
C ASN A 186 34.24 -13.43 5.47
N ASN A 187 33.93 -13.39 4.16
CA ASN A 187 33.23 -12.25 3.56
C ASN A 187 31.76 -12.45 3.24
N VAL A 188 31.36 -13.67 3.01
CA VAL A 188 29.98 -13.88 2.73
C VAL A 188 29.12 -13.52 3.94
N VAL A 189 29.55 -13.93 5.12
CA VAL A 189 28.72 -13.73 6.30
C VAL A 189 28.54 -12.23 6.67
N PRO A 190 29.64 -11.50 6.78
CA PRO A 190 29.39 -10.11 7.08
C PRO A 190 28.43 -9.47 6.05
N ALA A 191 28.64 -9.74 4.78
CA ALA A 191 27.82 -9.19 3.74
C ALA A 191 26.37 -9.62 3.86
N MET A 192 26.13 -10.87 4.13
CA MET A 192 24.76 -11.25 4.43
C MET A 192 24.27 -10.52 5.68
N GLU A 193 25.09 -10.40 6.72
CA GLU A 193 24.66 -9.67 7.92
C GLU A 193 24.13 -8.26 7.59
N ILE A 194 24.86 -7.56 6.71
CA ILE A 194 24.49 -6.23 6.27
C ILE A 194 23.15 -6.27 5.51
N MET A 195 22.95 -7.26 4.66
CA MET A 195 21.70 -7.38 3.93
C MET A 195 20.51 -7.44 4.87
N LEU A 196 20.70 -8.15 5.99
CA LEU A 196 19.60 -8.48 6.89
C LEU A 196 19.31 -7.35 7.85
N ASP A 197 20.36 -6.58 8.13
CA ASP A 197 20.34 -5.52 9.12
C ASP A 197 19.30 -4.49 8.78
N ASP A 198 18.57 -4.01 9.80
CA ASP A 198 17.50 -2.99 9.65
C ASP A 198 18.07 -1.64 9.25
N PHE A 199 19.29 -1.36 9.66
CA PHE A 199 20.01 -0.17 9.22
C PHE A 199 20.78 -0.47 7.93
N GLY A 200 20.79 -1.74 7.54
CA GLY A 200 21.27 -2.15 6.24
C GLY A 200 20.14 -2.21 5.23
N PHE A 201 20.08 -3.28 4.45
CA PHE A 201 18.96 -3.40 3.51
C PHE A 201 17.68 -3.94 4.17
N GLY A 202 17.78 -4.38 5.40
CA GLY A 202 16.63 -4.90 6.11
C GLY A 202 15.85 -6.02 5.45
N LEU A 203 16.56 -6.91 4.78
CA LEU A 203 15.92 -8.04 4.16
C LEU A 203 15.66 -9.11 5.20
N SER A 204 14.94 -10.13 4.78
CA SER A 204 14.49 -11.20 5.65
C SER A 204 15.36 -12.46 5.53
N LYS A 205 15.62 -13.10 6.68
CA LYS A 205 16.24 -14.42 6.76
C LYS A 205 15.68 -15.31 5.69
N ARG A 206 14.37 -15.26 5.58
CA ARG A 206 13.68 -16.17 4.72
C ARG A 206 13.89 -15.84 3.25
N ARG A 207 14.36 -14.64 2.95
CA ARG A 207 14.40 -14.24 1.56
C ARG A 207 15.82 -13.98 1.10
N VAL A 208 16.76 -14.42 1.91
CA VAL A 208 18.16 -14.51 1.54
C VAL A 208 18.57 -15.98 1.50
N THR A 209 18.77 -16.49 0.29
CA THR A 209 19.00 -17.88 0.09
C THR A 209 20.43 -18.02 -0.26
N LEU A 210 21.22 -18.69 0.57
CA LEU A 210 22.58 -19.07 0.23
C LEU A 210 22.44 -20.47 -0.39
N SER A 211 23.07 -20.67 -1.54
CA SER A 211 23.10 -21.98 -2.19
C SER A 211 24.55 -22.45 -2.23
N THR A 212 24.74 -23.73 -1.95
CA THR A 212 26.05 -24.33 -1.84
C THR A 212 26.07 -25.65 -2.55
N SER A 213 27.17 -25.94 -3.20
CA SER A 213 27.46 -27.26 -3.78
C SER A 213 27.76 -28.36 -2.75
N GLY A 214 28.00 -27.99 -1.50
CA GLY A 214 28.21 -29.00 -0.46
C GLY A 214 29.60 -29.06 0.12
N VAL A 215 30.06 -27.96 0.72
CA VAL A 215 31.34 -27.92 1.43
C VAL A 215 31.02 -28.11 2.89
N VAL A 216 30.77 -29.38 3.23
CA VAL A 216 30.18 -29.74 4.51
C VAL A 216 30.77 -29.05 5.76
N PRO A 217 32.10 -29.06 5.94
CA PRO A 217 32.53 -28.46 7.17
C PRO A 217 32.14 -27.02 7.25
N ALA A 218 32.27 -26.33 6.13
CA ALA A 218 31.92 -24.91 6.09
C ALA A 218 30.41 -24.64 6.31
N LEU A 219 29.56 -25.64 6.04
CA LEU A 219 28.15 -25.54 6.36
C LEU A 219 27.91 -25.67 7.86
N ASP A 220 28.56 -26.63 8.50
CA ASP A 220 28.53 -26.69 9.96
C ASP A 220 29.02 -25.38 10.54
N LYS A 221 30.04 -24.83 9.92
CA LYS A 221 30.61 -23.59 10.40
C LYS A 221 29.56 -22.51 10.27
N LEU A 222 28.94 -22.42 9.10
CA LEU A 222 27.83 -21.45 8.84
C LEU A 222 26.74 -21.48 9.88
N GLY A 223 26.46 -22.66 10.40
CA GLY A 223 25.38 -22.83 11.36
C GLY A 223 25.66 -22.03 12.61
N ASP A 224 26.94 -21.92 12.98
CA ASP A 224 27.39 -21.24 14.18
C ASP A 224 27.61 -19.73 13.96
N MET A 225 27.18 -19.23 12.82
CA MET A 225 27.50 -17.86 12.42
C MET A 225 26.29 -17.06 12.02
N ILE A 226 25.39 -17.64 11.22
CA ILE A 226 24.26 -16.90 10.71
C ILE A 226 23.17 -17.86 10.24
N ASP A 227 21.92 -17.43 10.38
CA ASP A 227 20.76 -18.21 9.99
C ASP A 227 20.18 -17.56 8.77
N VAL A 228 20.13 -18.30 7.68
CA VAL A 228 19.88 -17.72 6.36
C VAL A 228 19.22 -18.85 5.59
N ALA A 229 18.35 -18.54 4.62
CA ALA A 229 17.69 -19.68 3.91
C ALA A 229 18.70 -20.46 3.08
N LEU A 230 18.51 -21.78 3.01
CA LEU A 230 19.48 -22.69 2.41
C LEU A 230 18.93 -23.40 1.15
N ALA A 231 19.70 -23.42 0.08
CA ALA A 231 19.37 -24.28 -1.05
C ALA A 231 20.59 -25.07 -1.41
N ILE A 232 20.44 -26.27 -1.94
CA ILE A 232 21.61 -27.04 -2.24
C ILE A 232 21.67 -27.56 -3.66
N SER A 233 22.82 -27.32 -4.25
CA SER A 233 23.11 -27.82 -5.57
C SER A 233 23.26 -29.35 -5.56
N LEU A 234 22.17 -30.10 -5.49
CA LEU A 234 22.30 -31.56 -5.44
C LEU A 234 22.60 -32.22 -6.79
N HIS A 235 21.68 -32.08 -7.75
CA HIS A 235 21.94 -32.34 -9.18
C HIS A 235 22.06 -33.77 -9.63
N ALA A 236 22.00 -34.72 -8.71
CA ALA A 236 21.96 -36.12 -9.10
C ALA A 236 21.28 -36.95 -8.05
N PRO A 237 20.85 -38.15 -8.41
CA PRO A 237 20.15 -39.03 -7.46
C PRO A 237 21.04 -40.07 -6.81
N ASN A 238 22.34 -40.04 -7.07
CA ASN A 238 23.25 -40.99 -6.43
C ASN A 238 24.68 -40.54 -6.61
N ASP A 239 25.59 -41.12 -5.83
CA ASP A 239 26.97 -40.68 -5.88
C ASP A 239 27.66 -40.96 -7.24
N GLU A 240 27.39 -42.08 -7.90
CA GLU A 240 28.11 -42.38 -9.17
C GLU A 240 27.93 -41.24 -10.18
N ILE A 241 26.69 -40.76 -10.35
CA ILE A 241 26.47 -39.56 -11.16
C ILE A 241 27.02 -38.23 -10.57
N ARG A 242 26.74 -37.97 -9.30
CA ARG A 242 27.19 -36.73 -8.69
C ARG A 242 28.74 -36.65 -8.81
N ASP A 243 29.43 -37.76 -8.64
CA ASP A 243 30.90 -37.73 -8.77
C ASP A 243 31.29 -37.11 -10.09
N GLU A 244 30.56 -37.45 -11.15
CA GLU A 244 30.89 -36.97 -12.47
C GLU A 244 30.54 -35.52 -12.68
N ILE A 245 29.37 -35.04 -12.26
CA ILE A 245 29.03 -33.66 -12.64
C ILE A 245 29.40 -32.62 -11.60
N VAL A 246 29.32 -32.98 -10.33
CA VAL A 246 29.65 -32.08 -9.22
C VAL A 246 30.74 -32.74 -8.39
N PRO A 247 32.00 -32.64 -8.84
CA PRO A 247 33.13 -33.41 -8.31
C PRO A 247 33.43 -33.37 -6.83
N ILE A 248 32.97 -32.35 -6.14
CA ILE A 248 33.29 -32.28 -4.72
C ILE A 248 32.56 -33.35 -3.99
N ASN A 249 31.60 -33.98 -4.64
CA ASN A 249 30.91 -35.15 -4.08
C ASN A 249 31.88 -36.29 -3.72
N LYS A 250 32.94 -36.40 -4.50
CA LYS A 250 34.04 -37.32 -4.20
C LYS A 250 34.68 -37.08 -2.82
N LYS A 251 34.59 -35.88 -2.28
CA LYS A 251 35.14 -35.61 -0.98
C LYS A 251 34.03 -35.55 0.09
N TYR A 252 32.87 -34.97 -0.24
CA TYR A 252 31.69 -34.98 0.68
C TYR A 252 30.49 -35.54 -0.02
N ASN A 253 30.17 -36.81 0.22
CA ASN A 253 29.15 -37.45 -0.59
C ASN A 253 27.73 -37.13 -0.16
N ILE A 254 26.80 -37.55 -1.00
CA ILE A 254 25.42 -37.16 -0.81
C ILE A 254 24.94 -37.30 0.62
N GLU A 255 25.24 -38.46 1.26
CA GLU A 255 24.74 -38.72 2.63
C GLU A 255 25.39 -37.83 3.64
N THR A 256 26.68 -37.61 3.48
CA THR A 256 27.37 -36.66 4.31
C THR A 256 26.77 -35.28 4.23
N PHE A 257 26.46 -34.88 3.01
CA PHE A 257 25.89 -33.55 2.73
C PHE A 257 24.49 -33.39 3.35
N LEU A 258 23.59 -34.33 3.09
CA LEU A 258 22.24 -34.24 3.64
C LEU A 258 22.26 -34.27 5.19
N ALA A 259 23.27 -34.91 5.78
CA ALA A 259 23.36 -34.97 7.26
C ALA A 259 23.65 -33.56 7.73
N ALA A 260 24.61 -32.95 7.06
CA ALA A 260 25.00 -31.58 7.36
C ALA A 260 23.82 -30.64 7.19
N VAL A 261 23.08 -30.83 6.12
CA VAL A 261 21.94 -29.99 5.83
C VAL A 261 20.97 -30.09 6.98
N ARG A 262 20.66 -31.32 7.40
CA ARG A 262 19.71 -31.51 8.46
C ARG A 262 20.23 -30.91 9.76
N ARG A 263 21.54 -30.92 9.97
CA ARG A 263 22.08 -30.25 11.16
C ARG A 263 21.76 -28.75 11.12
N TYR A 264 21.87 -28.16 9.94
CA TYR A 264 21.58 -26.73 9.76
C TYR A 264 20.07 -26.44 9.97
N LEU A 265 19.21 -27.27 9.38
CA LEU A 265 17.78 -27.05 9.44
C LEU A 265 17.21 -27.12 10.86
N GLU A 266 17.81 -27.96 11.73
CA GLU A 266 17.41 -28.09 13.13
C GLU A 266 17.41 -26.74 13.83
N LYS A 267 18.43 -25.93 13.58
CA LYS A 267 18.65 -24.70 14.35
C LYS A 267 18.36 -23.49 13.50
N SER A 268 17.29 -23.51 12.70
CA SER A 268 17.07 -22.48 11.67
C SER A 268 15.62 -22.06 11.46
N ASN A 269 15.32 -20.80 11.74
CA ASN A 269 14.00 -20.26 11.45
C ASN A 269 13.88 -19.92 9.99
N ALA A 270 15.01 -19.59 9.35
CA ALA A 270 15.02 -19.04 7.97
C ALA A 270 14.44 -20.02 6.95
N ASN A 271 14.71 -21.27 7.19
CA ASN A 271 14.36 -22.33 6.26
C ASN A 271 12.98 -22.91 6.52
N GLN A 272 12.38 -22.52 7.65
CA GLN A 272 11.05 -22.99 8.03
C GLN A 272 10.93 -24.52 7.89
N GLY A 273 11.92 -25.23 8.45
CA GLY A 273 11.95 -26.66 8.36
C GLY A 273 12.20 -27.34 7.02
N ARG A 274 12.40 -26.59 5.94
CA ARG A 274 12.66 -27.25 4.66
C ARG A 274 13.89 -26.69 3.99
N VAL A 275 14.57 -27.52 3.21
CA VAL A 275 15.67 -27.04 2.36
C VAL A 275 15.19 -27.05 0.92
N THR A 276 15.75 -26.18 0.10
CA THR A 276 15.38 -26.19 -1.29
C THR A 276 16.42 -27.04 -2.01
N ILE A 277 15.96 -28.03 -2.75
CA ILE A 277 16.84 -28.91 -3.52
C ILE A 277 16.99 -28.44 -4.96
N GLU A 278 18.20 -28.03 -5.34
CA GLU A 278 18.45 -27.64 -6.70
C GLU A 278 18.86 -28.87 -7.50
N TYR A 279 18.20 -29.05 -8.64
CA TYR A 279 18.45 -30.17 -9.51
C TYR A 279 18.34 -29.72 -10.98
N VAL A 280 19.49 -29.49 -11.60
CA VAL A 280 19.59 -29.05 -12.95
C VAL A 280 19.29 -30.21 -13.85
N MET A 281 18.55 -29.96 -14.92
CA MET A 281 18.00 -30.99 -15.78
C MET A 281 18.81 -31.19 -17.05
N LEU A 282 19.74 -32.15 -16.99
CA LEU A 282 20.65 -32.42 -18.10
C LEU A 282 20.12 -33.52 -19.01
N ASP A 283 19.85 -33.18 -20.26
CA ASP A 283 19.18 -34.11 -21.18
C ASP A 283 19.85 -35.48 -21.23
N HIS A 284 19.09 -36.53 -21.00
CA HIS A 284 19.54 -37.92 -20.98
C HIS A 284 20.73 -38.21 -20.14
N VAL A 285 20.98 -37.42 -19.12
CA VAL A 285 22.08 -37.64 -18.17
C VAL A 285 21.53 -38.00 -16.80
N ASN A 286 20.59 -37.19 -16.29
CA ASN A 286 20.08 -37.34 -14.94
C ASN A 286 18.60 -37.06 -14.84
N ASP A 287 17.93 -37.08 -15.97
CA ASP A 287 16.60 -36.48 -16.12
C ASP A 287 15.50 -37.36 -16.59
N GLY A 288 15.63 -38.66 -16.36
CA GLY A 288 14.64 -39.67 -16.74
C GLY A 288 13.82 -40.09 -15.54
N THR A 289 12.70 -40.76 -15.77
CA THR A 289 11.85 -41.06 -14.65
C THR A 289 12.48 -42.07 -13.71
N GLU A 290 13.36 -42.93 -14.23
CA GLU A 290 14.15 -43.82 -13.35
C GLU A 290 14.86 -42.98 -12.25
N HIS A 291 15.39 -41.83 -12.64
CA HIS A 291 16.14 -40.96 -11.72
C HIS A 291 15.25 -40.29 -10.70
N ALA A 292 14.07 -39.89 -11.17
CA ALA A 292 13.11 -39.27 -10.28
C ALA A 292 12.73 -40.25 -9.19
N HIS A 293 12.58 -41.52 -9.58
CA HIS A 293 12.21 -42.50 -8.58
C HIS A 293 13.35 -42.58 -7.56
N GLN A 294 14.59 -42.65 -8.05
CA GLN A 294 15.68 -42.71 -7.10
C GLN A 294 15.73 -41.48 -6.26
N LEU A 295 15.58 -40.33 -6.87
CA LEU A 295 15.65 -39.07 -6.14
C LEU A 295 14.64 -38.96 -4.96
N ALA A 296 13.38 -39.25 -5.25
CA ALA A 296 12.35 -39.37 -4.23
C ALA A 296 12.79 -40.24 -3.09
N GLU A 297 13.38 -41.39 -3.38
CA GLU A 297 13.84 -42.31 -2.32
C GLU A 297 14.89 -41.62 -1.47
N LEU A 298 15.91 -41.13 -2.15
CA LEU A 298 17.05 -40.49 -1.57
C LEU A 298 16.66 -39.42 -0.53
N LEU A 299 15.58 -38.70 -0.82
CA LEU A 299 15.16 -37.54 -0.05
C LEU A 299 14.01 -37.83 0.91
N LYS A 300 13.74 -39.10 1.11
CA LYS A 300 12.63 -39.49 1.94
C LYS A 300 12.82 -39.02 3.38
N ASP A 301 14.06 -38.94 3.86
CA ASP A 301 14.38 -38.52 5.26
C ASP A 301 14.88 -37.06 5.38
N THR A 302 14.53 -36.23 4.40
CA THR A 302 15.00 -34.85 4.36
C THR A 302 13.85 -33.90 4.02
N PRO A 303 13.33 -33.16 4.99
CA PRO A 303 12.23 -32.28 4.61
C PRO A 303 12.68 -31.18 3.63
N CYS A 304 12.05 -31.13 2.46
CA CYS A 304 12.52 -30.24 1.41
C CYS A 304 11.40 -29.78 0.49
N LYS A 305 11.77 -28.99 -0.51
CA LYS A 305 10.91 -28.72 -1.65
C LYS A 305 11.88 -28.81 -2.79
N ILE A 306 11.40 -29.09 -3.98
CA ILE A 306 12.33 -29.33 -5.08
C ILE A 306 12.31 -28.24 -6.17
N ASN A 307 13.48 -27.74 -6.54
CA ASN A 307 13.62 -26.82 -7.65
C ASN A 307 14.37 -27.38 -8.88
N LEU A 308 13.59 -27.73 -9.88
CA LEU A 308 14.14 -28.24 -11.11
C LEU A 308 14.65 -27.08 -11.92
N ILE A 309 15.91 -27.17 -12.38
CA ILE A 309 16.49 -26.07 -13.16
C ILE A 309 16.85 -26.50 -14.57
N PRO A 310 16.08 -26.10 -15.56
CA PRO A 310 16.49 -26.53 -16.89
C PRO A 310 17.87 -25.99 -17.21
N TRP A 311 18.72 -26.84 -17.75
CA TRP A 311 20.11 -26.45 -18.00
C TRP A 311 20.20 -25.29 -18.98
N ASN A 312 20.98 -24.27 -18.63
CA ASN A 312 21.21 -23.12 -19.52
C ASN A 312 22.53 -23.35 -20.21
N PRO A 313 22.60 -23.29 -21.56
CA PRO A 313 23.84 -23.68 -22.29
C PRO A 313 24.98 -22.71 -22.19
N PHE A 314 26.16 -23.17 -22.53
CA PHE A 314 27.31 -22.27 -22.51
C PHE A 314 28.33 -22.89 -23.44
N PRO A 315 29.13 -22.07 -24.10
CA PRO A 315 30.02 -22.53 -25.16
C PRO A 315 30.91 -23.70 -24.76
N GLY A 316 30.95 -24.74 -25.59
CA GLY A 316 31.84 -25.86 -25.37
C GLY A 316 31.32 -27.05 -24.58
N ALA A 317 30.21 -26.87 -23.88
CA ALA A 317 29.66 -27.87 -22.97
C ALA A 317 29.33 -29.15 -23.71
N PRO A 318 29.54 -30.31 -23.09
CA PRO A 318 29.09 -31.57 -23.69
C PRO A 318 27.65 -31.97 -23.39
N TYR A 319 26.75 -31.03 -23.13
CA TYR A 319 25.45 -31.32 -22.52
C TYR A 319 24.37 -30.68 -23.33
N GLY A 320 23.15 -31.08 -23.07
CA GLY A 320 21.95 -30.52 -23.69
C GLY A 320 20.87 -30.34 -22.62
N ARG A 321 19.85 -29.56 -22.95
CA ARG A 321 18.87 -29.15 -21.99
C ARG A 321 17.68 -30.10 -22.04
N SER A 322 17.32 -30.73 -20.93
CA SER A 322 16.22 -31.67 -20.99
C SER A 322 15.08 -31.03 -21.72
N SER A 323 14.42 -31.75 -22.62
CA SER A 323 13.22 -31.23 -23.23
C SER A 323 12.15 -31.06 -22.18
N ASN A 324 11.17 -30.24 -22.51
CA ASN A 324 10.11 -29.92 -21.58
C ASN A 324 9.24 -31.08 -21.27
N SER A 325 9.22 -32.06 -22.16
CA SER A 325 8.40 -33.26 -21.96
C SER A 325 9.05 -34.09 -20.86
N ARG A 326 10.37 -34.20 -20.94
CA ARG A 326 11.11 -34.98 -19.97
C ARG A 326 11.00 -34.27 -18.63
N ILE A 327 11.14 -32.95 -18.63
CA ILE A 327 11.09 -32.19 -17.40
C ILE A 327 9.69 -32.40 -16.75
N ASP A 328 8.66 -32.24 -17.56
CA ASP A 328 7.29 -32.35 -17.15
C ASP A 328 7.02 -33.74 -16.57
N ARG A 329 7.37 -34.79 -17.31
CA ARG A 329 7.26 -36.15 -16.78
C ARG A 329 7.99 -36.36 -15.45
N PHE A 330 9.21 -35.84 -15.37
CA PHE A 330 10.11 -36.02 -14.22
C PHE A 330 9.45 -35.40 -13.02
N SER A 331 8.97 -34.18 -13.21
CA SER A 331 8.35 -33.44 -12.11
C SER A 331 7.11 -34.14 -11.60
N LYS A 332 6.32 -34.70 -12.49
CA LYS A 332 5.13 -35.41 -12.07
C LYS A 332 5.44 -36.67 -11.27
N VAL A 333 6.49 -37.40 -11.60
CA VAL A 333 6.87 -38.51 -10.73
C VAL A 333 7.12 -37.98 -9.31
N LEU A 334 7.95 -36.94 -9.17
CA LEU A 334 8.26 -36.39 -7.84
C LEU A 334 7.01 -36.02 -7.07
N MET A 335 6.04 -35.47 -7.81
CA MET A 335 4.74 -35.07 -7.28
C MET A 335 3.94 -36.27 -6.81
N SER A 336 4.03 -37.41 -7.51
CA SER A 336 3.47 -38.65 -6.97
C SER A 336 3.91 -38.90 -5.55
N TYR A 337 5.19 -38.67 -5.23
CA TYR A 337 5.70 -38.96 -3.91
C TYR A 337 5.47 -37.85 -2.94
N GLY A 338 4.67 -36.85 -3.31
CA GLY A 338 4.25 -35.79 -2.39
C GLY A 338 5.16 -34.58 -2.20
N PHE A 339 6.14 -34.40 -3.10
CA PHE A 339 7.09 -33.28 -3.01
C PHE A 339 6.52 -32.05 -3.67
N THR A 340 6.72 -30.90 -3.04
CA THR A 340 6.55 -29.67 -3.78
C THR A 340 7.66 -29.54 -4.79
N THR A 341 7.30 -29.52 -6.08
CA THR A 341 8.27 -29.48 -7.18
C THR A 341 8.01 -28.30 -8.13
N ILE A 342 8.87 -27.30 -8.11
CA ILE A 342 8.74 -26.18 -9.02
C ILE A 342 9.86 -26.16 -10.02
N VAL A 343 9.51 -25.90 -11.28
CA VAL A 343 10.50 -25.64 -12.31
C VAL A 343 10.87 -24.16 -12.30
N ARG A 344 12.13 -23.87 -12.02
CA ARG A 344 12.61 -22.49 -11.95
C ARG A 344 12.47 -21.91 -13.36
N LYS A 345 11.74 -20.80 -13.49
CA LYS A 345 11.59 -20.14 -14.80
C LYS A 345 12.98 -19.67 -15.27
N THR A 346 13.27 -19.86 -16.56
CA THR A 346 14.59 -19.50 -17.07
C THR A 346 14.67 -18.03 -17.25
N ARG A 347 15.60 -17.36 -16.57
CA ARG A 347 15.63 -15.90 -16.63
C ARG A 347 16.97 -15.26 -16.97
N GLY A 348 16.99 -14.54 -18.10
CA GLY A 348 18.14 -13.77 -18.52
C GLY A 348 18.98 -14.51 -19.55
N ASP A 349 18.45 -15.63 -20.06
CA ASP A 349 19.17 -16.44 -21.04
C ASP A 349 19.63 -15.68 -22.26
N ASP A 350 18.83 -14.72 -22.72
CA ASP A 350 19.22 -13.90 -23.89
C ASP A 350 20.50 -13.13 -23.69
N ILE A 351 20.86 -12.82 -22.43
CA ILE A 351 22.10 -12.07 -22.11
C ILE A 351 23.11 -12.86 -21.26
N ASP A 352 23.12 -14.17 -21.42
CA ASP A 352 23.94 -15.03 -20.60
C ASP A 352 23.95 -14.62 -19.11
N ALA A 353 22.75 -14.40 -18.58
CA ALA A 353 22.55 -14.08 -17.17
C ALA A 353 21.76 -15.14 -16.38
N ALA A 354 21.35 -16.20 -17.09
CA ALA A 354 20.62 -17.29 -16.50
C ALA A 354 21.55 -18.06 -15.61
N SMC A 355 21.00 -18.73 -14.59
CA SMC A 355 21.80 -19.50 -13.63
CB SMC A 355 20.86 -20.40 -12.80
SG SMC A 355 19.76 -19.50 -11.75
CS SMC A 355 20.69 -18.30 -10.78
C SMC A 355 22.82 -20.33 -14.37
O SMC A 355 22.47 -21.02 -15.33
N GLY A 356 24.09 -20.25 -13.96
CA GLY A 356 25.19 -20.99 -14.61
C GLY A 356 25.94 -20.29 -15.72
N GLN A 357 25.37 -19.26 -16.30
CA GLN A 357 25.96 -18.64 -17.47
C GLN A 357 26.91 -17.47 -17.16
N LEU A 358 27.26 -17.25 -15.90
CA LEU A 358 28.04 -16.09 -15.55
C LEU A 358 29.53 -16.40 -15.63
N ALA A 359 30.15 -15.91 -16.68
CA ALA A 359 31.55 -16.15 -16.88
C ALA A 359 32.38 -15.01 -16.35
N GLY A 360 31.80 -13.84 -16.19
CA GLY A 360 32.60 -12.66 -15.81
C GLY A 360 33.86 -12.45 -16.66
N ASP A 361 34.95 -12.10 -15.98
CA ASP A 361 36.26 -11.97 -16.61
C ASP A 361 37.27 -12.33 -15.55
N VAL A 362 37.87 -13.51 -15.69
CA VAL A 362 38.67 -14.11 -14.64
C VAL A 362 40.03 -14.47 -15.19
N ILE A 363 41.05 -14.23 -14.38
CA ILE A 363 42.42 -14.57 -14.69
C ILE A 363 42.62 -15.83 -13.93
N ASP A 364 42.47 -16.99 -14.56
CA ASP A 364 42.53 -18.25 -13.79
C ASP A 364 43.94 -18.45 -13.19
N ARG A 365 44.04 -18.78 -11.90
CA ARG A 365 45.33 -19.02 -11.25
C ARG A 365 45.56 -20.51 -11.00
N THR A 366 44.69 -21.36 -11.52
CA THR A 366 44.79 -22.80 -11.27
C THR A 366 45.34 -23.59 -12.43
N LYS A 367 45.60 -22.91 -13.54
CA LYS A 367 45.92 -23.60 -14.78
C LYS A 367 44.81 -24.52 -15.27
N ARG A 368 43.52 -24.19 -15.02
CA ARG A 368 42.40 -25.05 -15.50
C ARG A 368 42.64 -25.54 -16.95
N THR A 369 43.29 -24.72 -17.80
CA THR A 369 43.52 -25.13 -19.20
C THR A 369 44.49 -26.33 -19.31
N LEU A 370 45.80 -26.14 -19.07
CA LEU A 370 46.75 -27.24 -19.33
C LEU A 370 46.05 -28.57 -18.98
N ARG A 371 45.78 -28.77 -17.70
CA ARG A 371 45.20 -30.00 -17.17
C ARG A 371 44.03 -30.54 -18.01
N ILE C 18 -16.78 -9.43 8.24
CA ILE C 18 -16.43 -8.31 7.31
C ILE C 18 -17.66 -7.85 6.53
N ASN C 19 -18.07 -6.59 6.76
CA ASN C 19 -19.23 -5.96 6.13
C ASN C 19 -18.83 -5.16 4.90
N LEU C 20 -19.43 -5.48 3.75
CA LEU C 20 -19.07 -4.87 2.45
C LEU C 20 -19.53 -3.44 2.24
N LEU C 21 -20.44 -3.01 3.11
CA LEU C 21 -20.91 -1.64 3.13
C LEU C 21 -19.86 -0.72 3.71
N ASP C 22 -18.86 -1.25 4.43
CA ASP C 22 -17.72 -0.43 4.85
C ASP C 22 -16.66 -0.21 3.74
N LEU C 23 -16.84 -0.82 2.58
CA LEU C 23 -15.80 -0.83 1.56
C LEU C 23 -16.17 -0.20 0.22
N ASN C 24 -15.28 0.68 -0.20
CA ASN C 24 -15.33 1.30 -1.52
C ASN C 24 -14.70 0.38 -2.55
N ARG C 25 -14.69 0.78 -3.82
CA ARG C 25 -14.40 -0.17 -4.90
C ARG C 25 -12.97 -0.69 -4.91
N GLN C 26 -12.01 0.20 -4.72
CA GLN C 26 -10.64 -0.23 -4.48
C GLN C 26 -10.61 -1.37 -3.43
N GLN C 27 -10.99 -1.12 -2.17
CA GLN C 27 -10.98 -2.20 -1.15
C GLN C 27 -11.83 -3.47 -1.47
N MET C 28 -12.82 -3.33 -2.34
CA MET C 28 -13.63 -4.47 -2.75
C MET C 28 -12.83 -5.43 -3.62
N ARG C 29 -11.85 -4.90 -4.35
CA ARG C 29 -10.98 -5.69 -5.22
C ARG C 29 -9.98 -6.36 -4.31
N GLU C 30 -9.20 -5.55 -3.63
CA GLU C 30 -8.34 -6.01 -2.55
C GLU C 30 -9.01 -7.20 -1.91
N PHE C 31 -10.27 -7.03 -1.54
CA PHE C 31 -10.97 -8.09 -0.83
C PHE C 31 -11.20 -9.34 -1.70
N PHE C 32 -11.62 -9.12 -2.93
CA PHE C 32 -11.77 -10.23 -3.84
C PHE C 32 -10.44 -10.89 -4.31
N LYS C 33 -9.30 -10.20 -4.25
CA LYS C 33 -8.01 -10.93 -4.42
C LYS C 33 -7.86 -11.95 -3.31
N ASP C 34 -8.04 -11.51 -2.06
CA ASP C 34 -7.74 -12.34 -0.91
C ASP C 34 -8.61 -13.60 -0.81
N LEU C 35 -9.69 -13.67 -1.57
CA LEU C 35 -10.43 -14.92 -1.78
C LEU C 35 -10.01 -15.67 -3.06
N GLY C 36 -8.80 -15.44 -3.55
CA GLY C 36 -8.43 -15.90 -4.89
C GLY C 36 -9.59 -15.68 -5.83
N GLU C 37 -9.76 -14.43 -6.27
CA GLU C 37 -10.86 -14.06 -7.18
C GLU C 37 -10.57 -12.79 -7.96
N LYS C 38 -11.28 -12.69 -9.08
CA LYS C 38 -11.01 -11.66 -10.06
C LYS C 38 -11.62 -10.28 -9.70
N PRO C 39 -10.96 -9.18 -10.16
CA PRO C 39 -11.38 -7.81 -9.87
C PRO C 39 -12.86 -7.56 -10.09
N PHE C 40 -13.37 -8.03 -11.23
CA PHE C 40 -14.72 -7.72 -11.70
C PHE C 40 -15.85 -8.32 -10.83
N ARG C 41 -15.53 -9.22 -9.91
CA ARG C 41 -16.54 -9.72 -8.94
C ARG C 41 -16.96 -8.60 -7.99
N ALA C 42 -15.98 -7.76 -7.66
CA ALA C 42 -16.22 -6.53 -6.93
C ALA C 42 -17.29 -5.69 -7.61
N ASP C 43 -17.17 -5.54 -8.92
CA ASP C 43 -18.14 -4.77 -9.70
C ASP C 43 -19.55 -5.43 -9.67
N GLN C 44 -19.60 -6.75 -9.76
CA GLN C 44 -20.89 -7.42 -9.85
C GLN C 44 -21.64 -7.26 -8.54
N VAL C 45 -20.94 -7.52 -7.44
CA VAL C 45 -21.52 -7.42 -6.09
C VAL C 45 -21.97 -5.98 -5.80
N MET C 46 -21.08 -5.01 -6.03
CA MET C 46 -21.47 -3.62 -5.90
C MET C 46 -22.69 -3.30 -6.77
N LYS C 47 -22.79 -3.86 -7.97
CA LYS C 47 -23.98 -3.62 -8.81
C LYS C 47 -25.23 -4.12 -8.11
N TRP C 48 -25.20 -5.34 -7.60
CA TRP C 48 -26.37 -5.86 -6.89
C TRP C 48 -26.70 -5.05 -5.63
N MET C 49 -25.67 -4.80 -4.82
CA MET C 49 -25.81 -4.01 -3.58
C MET C 49 -26.43 -2.63 -3.81
N TYR C 50 -25.73 -1.81 -4.59
CA TYR C 50 -26.12 -0.44 -4.77
C TYR C 50 -27.17 -0.22 -5.88
N HIS C 51 -27.17 -0.98 -6.97
CA HIS C 51 -28.23 -0.82 -8.03
C HIS C 51 -29.56 -1.54 -7.72
N TYR C 52 -29.52 -2.67 -7.00
CA TYR C 52 -30.76 -3.35 -6.63
C TYR C 52 -31.05 -3.30 -5.13
N CYS C 53 -30.10 -2.78 -4.34
CA CYS C 53 -30.21 -2.79 -2.89
C CYS C 53 -30.41 -4.23 -2.45
N CYS C 54 -29.48 -5.09 -2.82
CA CYS C 54 -29.48 -6.50 -2.43
C CYS C 54 -28.61 -6.70 -1.19
N ASP C 55 -29.18 -7.28 -0.13
CA ASP C 55 -28.39 -7.57 1.10
C ASP C 55 -28.39 -9.06 1.39
N ASN C 56 -28.44 -9.86 0.32
CA ASN C 56 -28.43 -11.30 0.41
C ASN C 56 -27.85 -11.94 -0.82
N PHE C 57 -26.81 -12.73 -0.63
CA PHE C 57 -26.02 -13.22 -1.73
C PHE C 57 -26.71 -14.18 -2.70
N ASP C 58 -27.66 -14.98 -2.19
CA ASP C 58 -28.37 -16.00 -3.02
C ASP C 58 -28.96 -15.37 -4.28
N GLU C 59 -29.30 -14.09 -4.19
CA GLU C 59 -29.97 -13.39 -5.25
C GLU C 59 -28.99 -12.97 -6.35
N MET C 60 -27.69 -13.14 -6.09
CA MET C 60 -26.66 -12.71 -7.02
C MET C 60 -26.46 -13.78 -8.06
N THR C 61 -27.26 -13.72 -9.12
CA THR C 61 -27.30 -14.77 -10.15
C THR C 61 -26.27 -14.56 -11.28
N ASP C 62 -25.64 -13.39 -11.32
CA ASP C 62 -24.43 -13.16 -12.12
C ASP C 62 -23.28 -14.13 -11.81
N ILE C 63 -23.32 -14.81 -10.66
CA ILE C 63 -22.12 -15.30 -10.01
C ILE C 63 -22.36 -16.66 -9.41
N ASN C 64 -21.33 -17.51 -9.47
CA ASN C 64 -21.38 -18.97 -9.15
C ASN C 64 -22.15 -19.30 -7.90
N LYS C 65 -22.78 -20.47 -7.88
CA LYS C 65 -23.23 -21.02 -6.62
C LYS C 65 -22.03 -21.10 -5.68
N VAL C 66 -20.86 -21.48 -6.21
CA VAL C 66 -19.67 -21.71 -5.37
C VAL C 66 -19.21 -20.45 -4.65
N LEU C 67 -19.20 -19.29 -5.33
CA LEU C 67 -18.80 -18.00 -4.70
C LEU C 67 -19.82 -17.48 -3.69
N ARG C 68 -21.03 -17.25 -4.17
CA ARG C 68 -22.21 -17.08 -3.31
C ARG C 68 -22.16 -17.85 -1.98
N GLY C 69 -21.33 -18.89 -1.91
CA GLY C 69 -21.16 -19.66 -0.68
C GLY C 69 -20.04 -19.16 0.20
N LYS C 70 -18.88 -18.85 -0.38
CA LYS C 70 -17.80 -18.33 0.46
C LYS C 70 -18.24 -17.02 1.14
N LEU C 71 -18.82 -16.16 0.30
CA LEU C 71 -19.25 -14.85 0.72
C LEU C 71 -20.16 -14.88 1.94
N LYS C 72 -21.18 -15.74 1.93
CA LYS C 72 -22.05 -15.91 3.10
C LYS C 72 -21.26 -16.22 4.36
N GLU C 73 -20.23 -17.05 4.19
CA GLU C 73 -19.46 -17.53 5.32
C GLU C 73 -18.47 -16.50 5.81
N VAL C 74 -17.88 -15.69 4.92
CA VAL C 74 -16.87 -14.71 5.39
C VAL C 74 -17.23 -13.19 5.29
N ALA C 75 -18.46 -12.85 4.86
CA ALA C 75 -18.87 -11.45 4.68
C ALA C 75 -20.38 -11.25 4.76
N GLU C 76 -20.78 -10.02 5.05
CA GLU C 76 -22.20 -9.67 5.11
C GLU C 76 -22.43 -8.31 4.47
N ILE C 77 -23.70 -7.93 4.41
CA ILE C 77 -24.11 -6.61 3.97
C ILE C 77 -25.11 -6.07 5.00
N ARG C 78 -24.62 -5.42 6.04
CA ARG C 78 -25.52 -4.92 7.08
C ARG C 78 -25.59 -3.42 7.06
N ALA C 79 -26.75 -2.87 6.69
CA ALA C 79 -27.07 -1.45 6.82
C ALA C 79 -27.80 -1.21 8.13
N PRO C 80 -27.57 -0.04 8.78
CA PRO C 80 -28.14 0.16 10.09
C PRO C 80 -29.65 0.21 10.00
N GLU C 81 -30.35 -0.26 11.03
CA GLU C 81 -31.83 -0.39 10.99
C GLU C 81 -32.46 0.96 10.90
N VAL C 82 -33.57 1.05 10.17
CA VAL C 82 -34.45 2.21 10.25
C VAL C 82 -35.40 1.89 11.38
N VAL C 83 -35.63 2.86 12.26
CA VAL C 83 -36.49 2.67 13.38
C VAL C 83 -37.47 3.80 13.54
N GLU C 84 -37.46 4.78 12.64
CA GLU C 84 -38.54 5.73 12.60
C GLU C 84 -38.66 6.33 11.21
N GLU C 85 -39.86 6.73 10.87
CA GLU C 85 -40.14 7.40 9.62
C GLU C 85 -41.23 8.42 9.87
N GLN C 86 -41.03 9.63 9.35
CA GLN C 86 -41.99 10.70 9.48
C GLN C 86 -42.10 11.38 8.12
N ARG C 87 -43.30 11.86 7.79
CA ARG C 87 -43.60 12.46 6.49
C ARG C 87 -44.15 13.84 6.68
N SER C 88 -43.48 14.82 6.09
CA SER C 88 -43.90 16.21 6.05
C SER C 88 -45.00 16.28 5.04
N SER C 89 -45.81 17.32 5.09
CA SER C 89 -46.75 17.56 4.01
C SER C 89 -46.02 18.02 2.74
N ASP C 90 -44.86 18.62 2.86
CA ASP C 90 -43.93 18.94 1.77
C ASP C 90 -43.80 17.75 0.88
N GLY C 91 -43.91 16.57 1.47
CA GLY C 91 -43.47 15.38 0.77
C GLY C 91 -42.10 14.94 1.25
N THR C 92 -41.51 15.77 2.11
CA THR C 92 -40.20 15.50 2.70
C THR C 92 -40.38 14.38 3.67
N ILE C 93 -39.39 13.48 3.73
CA ILE C 93 -39.40 12.34 4.68
C ILE C 93 -38.12 12.25 5.54
N LYS C 94 -38.28 11.94 6.83
CA LYS C 94 -37.14 11.73 7.71
C LYS C 94 -37.17 10.35 8.40
N TRP C 95 -36.08 9.59 8.24
CA TRP C 95 -35.89 8.30 8.86
C TRP C 95 -34.87 8.40 9.95
N ALA C 96 -35.14 7.90 11.13
CA ALA C 96 -34.09 7.81 12.13
C ALA C 96 -33.41 6.51 11.92
N ILE C 97 -32.10 6.42 12.16
CA ILE C 97 -31.45 5.11 12.12
C ILE C 97 -30.72 4.73 13.39
N ALA C 98 -30.82 3.46 13.69
CA ALA C 98 -30.23 2.89 14.86
C ALA C 98 -28.77 2.63 14.59
N VAL C 99 -27.97 2.98 15.59
CA VAL C 99 -26.55 3.09 15.47
C VAL C 99 -26.13 2.92 16.92
N GLY C 100 -25.91 1.64 17.27
CA GLY C 100 -25.74 1.22 18.66
C GLY C 100 -27.03 1.55 19.38
N ASP C 101 -26.96 2.12 20.59
CA ASP C 101 -28.17 2.62 21.24
C ASP C 101 -28.53 4.02 20.80
N GLN C 102 -27.66 4.64 20.00
CA GLN C 102 -27.88 6.01 19.56
C GLN C 102 -28.69 6.04 18.24
N ARG C 103 -29.04 7.25 17.82
CA ARG C 103 -29.67 7.42 16.52
C ARG C 103 -29.22 8.69 15.80
N VAL C 104 -29.02 8.51 14.50
CA VAL C 104 -28.74 9.64 13.63
C VAL C 104 -29.88 9.64 12.64
N GLU C 105 -29.97 10.69 11.83
CA GLU C 105 -31.15 10.96 11.03
C GLU C 105 -30.75 11.25 9.58
N THR C 106 -31.71 11.02 8.68
CA THR C 106 -31.48 11.13 7.25
C THR C 106 -32.76 11.59 6.57
N VAL C 107 -32.63 12.63 5.78
CA VAL C 107 -33.77 13.34 5.24
C VAL C 107 -33.80 13.15 3.74
N TYR C 108 -35.02 13.00 3.20
CA TYR C 108 -35.28 12.82 1.79
C TYR C 108 -36.18 13.93 1.30
N ILE C 109 -35.71 14.68 0.29
CA ILE C 109 -36.34 15.93 -0.16
C ILE C 109 -36.56 15.92 -1.66
N PRO C 110 -37.78 15.58 -2.11
CA PRO C 110 -38.15 15.49 -3.53
C PRO C 110 -38.55 16.83 -4.07
N GLU C 111 -38.09 17.18 -5.27
CA GLU C 111 -38.49 18.42 -5.95
C GLU C 111 -39.07 18.01 -7.29
N ASP C 112 -39.54 18.99 -8.07
CA ASP C 112 -40.19 18.66 -9.34
C ASP C 112 -39.30 17.74 -10.21
N ASP C 113 -38.06 18.12 -10.43
CA ASP C 113 -37.23 17.45 -11.40
C ASP C 113 -36.05 16.66 -10.78
N ARG C 114 -36.07 16.43 -9.45
CA ARG C 114 -34.95 15.74 -8.74
C ARG C 114 -35.29 15.29 -7.31
N ALA C 115 -34.42 14.47 -6.72
CA ALA C 115 -34.62 13.99 -5.35
C ALA C 115 -33.30 13.99 -4.60
N THR C 116 -33.36 14.37 -3.32
CA THR C 116 -32.14 14.69 -2.63
C THR C 116 -32.05 14.03 -1.26
N LEU C 117 -30.93 13.39 -0.94
CA LEU C 117 -30.72 12.83 0.41
C LEU C 117 -29.71 13.61 1.26
N ALA C 118 -30.18 14.19 2.36
CA ALA C 118 -29.29 14.74 3.39
C ALA C 118 -28.86 13.60 4.33
N VAL C 119 -27.56 13.42 4.42
CA VAL C 119 -26.93 12.32 5.12
C VAL C 119 -26.23 12.81 6.39
N SER C 120 -26.33 12.07 7.49
CA SER C 120 -25.57 12.41 8.70
C SER C 120 -24.14 11.84 8.65
N SER C 121 -23.20 12.51 9.31
CA SER C 121 -21.77 12.19 9.23
C SER C 121 -21.14 11.89 10.60
N GLN C 122 -21.67 12.49 11.66
CA GLN C 122 -21.28 12.10 13.03
C GLN C 122 -22.52 11.85 13.84
N VAL C 123 -22.31 11.41 15.09
CA VAL C 123 -23.38 11.18 16.06
C VAL C 123 -23.39 12.38 17.01
N GLY C 124 -24.15 13.39 16.63
CA GLY C 124 -24.02 14.74 17.20
C GLY C 124 -23.00 15.61 16.46
N CYS C 125 -22.42 16.60 17.15
CA CYS C 125 -21.38 17.46 16.59
C CYS C 125 -20.50 18.04 17.66
N ALA C 126 -19.19 18.01 17.38
CA ALA C 126 -18.22 18.60 18.31
C ALA C 126 -18.18 20.13 18.20
N LEU C 127 -18.54 20.65 17.04
CA LEU C 127 -18.63 22.07 16.88
C LEU C 127 -19.91 22.58 17.56
N GLU C 128 -19.92 23.85 17.96
CA GLU C 128 -20.99 24.33 18.84
C GLU C 128 -21.71 25.52 18.25
N CYS C 129 -22.11 25.37 16.99
CA CYS C 129 -22.75 26.47 16.31
C CYS C 129 -23.99 26.79 17.13
N LYS C 130 -24.22 28.06 17.42
CA LYS C 130 -25.27 28.41 18.39
C LYS C 130 -26.66 28.41 17.84
N PHE C 131 -26.83 28.26 16.53
CA PHE C 131 -28.19 28.34 15.95
C PHE C 131 -28.62 26.97 15.53
N CYS C 132 -27.81 25.96 15.86
CA CYS C 132 -27.99 24.59 15.40
C CYS C 132 -28.42 23.58 16.51
N SER C 133 -29.53 22.89 16.26
CA SER C 133 -30.05 21.80 17.10
C SER C 133 -29.11 20.58 17.22
N THR C 134 -28.36 20.22 16.18
CA THR C 134 -27.42 19.09 16.33
C THR C 134 -26.39 19.46 17.39
N ALA C 135 -26.01 20.73 17.39
CA ALA C 135 -25.02 21.20 18.35
C ALA C 135 -25.51 21.06 19.74
N GLN C 136 -26.81 21.10 20.00
CA GLN C 136 -27.36 21.20 21.37
C GLN C 136 -27.41 19.82 22.03
N GLN C 137 -27.45 18.78 21.22
CA GLN C 137 -27.15 17.40 21.63
C GLN C 137 -25.68 17.47 21.72
N GLY C 138 -25.03 16.59 22.44
CA GLY C 138 -23.56 16.75 22.39
C GLY C 138 -22.85 16.14 21.17
N PHE C 139 -21.82 15.36 21.46
CA PHE C 139 -21.08 14.64 20.46
C PHE C 139 -20.73 13.31 21.09
N ASN C 140 -20.73 12.27 20.30
CA ASN C 140 -20.35 10.97 20.79
C ASN C 140 -19.27 10.29 19.93
N ARG C 141 -19.43 10.27 18.63
CA ARG C 141 -18.47 9.61 17.81
C ARG C 141 -18.72 9.81 16.35
N ASN C 142 -17.75 9.39 15.54
CA ASN C 142 -17.95 9.37 14.10
C ASN C 142 -18.71 8.16 13.63
N LEU C 143 -19.49 8.34 12.58
CA LEU C 143 -20.17 7.26 11.91
C LEU C 143 -19.10 6.54 11.13
N ARG C 144 -19.15 5.21 11.12
CA ARG C 144 -18.34 4.39 10.21
C ARG C 144 -18.86 4.49 8.77
N VAL C 145 -18.07 3.98 7.83
CA VAL C 145 -18.45 4.11 6.42
C VAL C 145 -19.83 3.50 6.24
N SER C 146 -19.97 2.24 6.64
CA SER C 146 -21.25 1.55 6.48
C SER C 146 -22.39 2.32 7.06
N GLU C 147 -22.14 3.10 8.10
CA GLU C 147 -23.22 3.88 8.73
C GLU C 147 -23.59 5.15 7.92
N ILE C 148 -22.72 5.56 7.01
CA ILE C 148 -22.96 6.76 6.22
C ILE C 148 -23.66 6.34 4.94
N ILE C 149 -22.94 5.62 4.10
CA ILE C 149 -23.49 5.10 2.86
C ILE C 149 -24.71 4.23 3.19
N GLY C 150 -24.71 3.57 4.34
CA GLY C 150 -25.83 2.78 4.76
C GLY C 150 -27.13 3.54 4.74
N GLN C 151 -27.05 4.85 5.01
CA GLN C 151 -28.22 5.75 4.98
C GLN C 151 -28.73 5.89 3.55
N VAL C 152 -27.84 6.07 2.58
CA VAL C 152 -28.26 6.20 1.20
C VAL C 152 -28.88 4.87 0.73
N TRP C 153 -28.13 3.77 0.95
CA TRP C 153 -28.62 2.41 0.71
C TRP C 153 -30.04 2.16 1.19
N ARG C 154 -30.31 2.46 2.46
CA ARG C 154 -31.68 2.29 3.04
C ARG C 154 -32.76 3.17 2.40
N ALA C 155 -32.39 4.41 2.08
CA ALA C 155 -33.35 5.36 1.55
C ALA C 155 -33.62 5.04 0.12
N ALA C 156 -32.67 4.38 -0.51
CA ALA C 156 -32.82 3.92 -1.90
C ALA C 156 -33.73 2.69 -1.98
N LYS C 157 -33.54 1.75 -1.07
CA LYS C 157 -34.41 0.60 -1.00
C LYS C 157 -35.81 1.11 -0.70
N ILE C 158 -35.93 1.99 0.29
CA ILE C 158 -37.26 2.43 0.73
C ILE C 158 -37.99 3.30 -0.31
N VAL C 159 -37.34 4.24 -0.99
CA VAL C 159 -38.09 5.04 -1.97
C VAL C 159 -38.46 4.23 -3.21
N GLY C 160 -37.72 3.17 -3.48
CA GLY C 160 -37.91 2.34 -4.66
C GLY C 160 -36.56 2.34 -5.34
N ALA C 161 -35.88 1.18 -5.35
CA ALA C 161 -34.49 1.05 -5.88
C ALA C 161 -34.43 1.30 -7.39
N ALA C 162 -33.20 1.46 -7.92
CA ALA C 162 -32.98 1.94 -9.31
C ALA C 162 -33.53 1.02 -10.42
N LYS C 163 -33.25 -0.28 -10.33
CA LYS C 163 -33.82 -1.24 -11.28
C LYS C 163 -34.89 -2.17 -10.67
N VAL C 164 -35.35 -1.84 -9.45
CA VAL C 164 -36.62 -2.37 -8.90
C VAL C 164 -37.81 -1.55 -9.46
N THR C 165 -37.77 -0.22 -9.29
CA THR C 165 -38.81 0.69 -9.80
C THR C 165 -38.61 1.12 -11.30
N GLY C 166 -37.38 1.17 -11.79
CA GLY C 166 -37.10 1.77 -13.09
C GLY C 166 -36.53 3.18 -12.99
N GLN C 167 -37.21 4.07 -12.24
CA GLN C 167 -36.70 5.43 -11.95
C GLN C 167 -35.67 5.42 -10.82
N ARG C 168 -34.79 6.43 -10.82
CA ARG C 168 -33.77 6.62 -9.77
C ARG C 168 -34.42 7.16 -8.51
N PRO C 169 -34.16 6.51 -7.37
CA PRO C 169 -34.67 7.08 -6.13
C PRO C 169 -33.95 8.38 -5.78
N ILE C 170 -32.62 8.38 -5.89
CA ILE C 170 -31.75 9.46 -5.43
C ILE C 170 -30.90 9.99 -6.56
N THR C 171 -31.00 11.29 -6.82
CA THR C 171 -30.21 11.98 -7.84
C THR C 171 -29.08 12.84 -7.26
N ASN C 172 -29.35 13.43 -6.07
CA ASN C 172 -28.42 14.33 -5.38
C ASN C 172 -28.20 13.94 -3.94
N VAL C 173 -26.97 14.07 -3.44
CA VAL C 173 -26.75 13.96 -1.98
C VAL C 173 -26.09 15.16 -1.29
N VAL C 174 -26.54 15.53 -0.12
CA VAL C 174 -25.84 16.60 0.55
C VAL C 174 -25.30 16.08 1.88
N MET C 175 -24.06 16.43 2.19
CA MET C 175 -23.51 16.13 3.51
C MET C 175 -23.90 17.30 4.40
N MET C 176 -25.18 17.28 4.79
CA MET C 176 -25.85 18.34 5.52
C MET C 176 -26.77 17.79 6.63
N GLY C 177 -26.52 16.56 7.07
CA GLY C 177 -27.27 15.96 8.17
C GLY C 177 -26.61 16.36 9.47
N MET C 178 -26.50 15.42 10.40
CA MET C 178 -25.79 15.66 11.69
C MET C 178 -24.28 15.57 11.53
N GLY C 179 -23.55 16.45 12.19
CA GLY C 179 -22.08 16.42 12.23
C GLY C 179 -21.33 17.30 11.24
N GLU C 180 -20.05 17.50 11.51
CA GLU C 180 -19.15 18.20 10.58
C GLU C 180 -18.40 17.17 9.79
N PRO C 181 -18.55 17.15 8.45
CA PRO C 181 -17.97 16.02 7.69
C PRO C 181 -16.49 16.02 7.65
N LEU C 182 -15.86 17.18 7.82
CA LEU C 182 -14.39 17.27 7.69
C LEU C 182 -13.72 16.75 8.97
N LEU C 183 -14.51 16.63 10.02
CA LEU C 183 -14.04 15.93 11.20
C LEU C 183 -14.20 14.41 11.12
N ASN C 184 -14.73 13.91 10.00
CA ASN C 184 -14.81 12.45 9.74
C ASN C 184 -14.33 12.04 8.32
N LEU C 185 -13.21 12.59 7.86
CA LEU C 185 -12.73 12.27 6.51
C LEU C 185 -12.50 10.80 6.40
N ASN C 186 -12.06 10.15 7.47
CA ASN C 186 -11.85 8.70 7.38
C ASN C 186 -12.98 7.93 6.73
N ASN C 187 -14.19 8.18 7.21
CA ASN C 187 -15.42 7.55 6.69
C ASN C 187 -16.22 8.37 5.63
N VAL C 188 -16.16 9.67 5.74
CA VAL C 188 -16.88 10.49 4.78
C VAL C 188 -16.43 10.25 3.32
N VAL C 189 -15.12 10.04 3.13
CA VAL C 189 -14.59 9.98 1.78
C VAL C 189 -14.88 8.64 1.07
N PRO C 190 -14.58 7.52 1.72
CA PRO C 190 -14.96 6.27 1.05
C PRO C 190 -16.46 6.26 0.69
N ALA C 191 -17.29 6.67 1.65
CA ALA C 191 -18.71 6.73 1.45
C ALA C 191 -19.03 7.56 0.22
N MET C 192 -18.51 8.77 0.16
CA MET C 192 -18.77 9.57 -1.01
C MET C 192 -18.24 8.88 -2.29
N GLU C 193 -17.06 8.26 -2.20
CA GLU C 193 -16.53 7.50 -3.35
C GLU C 193 -17.56 6.46 -3.84
N ILE C 194 -18.14 5.70 -2.90
CA ILE C 194 -19.14 4.72 -3.26
C ILE C 194 -20.35 5.38 -3.91
N MET C 195 -20.69 6.59 -3.47
CA MET C 195 -21.87 7.27 -4.03
C MET C 195 -21.64 7.57 -5.48
N LEU C 196 -20.40 7.94 -5.81
CA LEU C 196 -20.08 8.51 -7.13
C LEU C 196 -19.78 7.43 -8.18
N ASP C 197 -19.37 6.28 -7.65
CA ASP C 197 -18.98 5.12 -8.44
C ASP C 197 -20.14 4.67 -9.33
N ASP C 198 -19.80 4.35 -10.58
CA ASP C 198 -20.79 3.87 -11.57
C ASP C 198 -21.30 2.47 -11.20
N PHE C 199 -20.53 1.75 -10.40
CA PHE C 199 -20.98 0.47 -9.89
C PHE C 199 -21.60 0.67 -8.51
N GLY C 200 -21.52 1.88 -7.99
CA GLY C 200 -22.27 2.26 -6.79
C GLY C 200 -23.50 3.07 -7.18
N PHE C 201 -23.77 4.13 -6.45
CA PHE C 201 -24.92 4.91 -6.81
C PHE C 201 -24.72 5.74 -8.12
N GLY C 202 -23.48 5.86 -8.58
CA GLY C 202 -23.18 6.66 -9.78
C GLY C 202 -23.73 8.08 -9.82
N LEU C 203 -23.62 8.79 -8.72
CA LEU C 203 -24.03 10.17 -8.70
C LEU C 203 -22.96 11.07 -9.32
N SER C 204 -23.38 12.29 -9.57
CA SER C 204 -22.52 13.26 -10.16
C SER C 204 -21.72 13.96 -9.07
N LYS C 205 -20.44 14.24 -9.34
CA LYS C 205 -19.65 15.04 -8.42
C LYS C 205 -20.32 16.40 -8.24
N ARG C 206 -21.02 16.87 -9.26
CA ARG C 206 -21.71 18.15 -9.18
C ARG C 206 -22.94 18.06 -8.27
N ARG C 207 -23.47 16.87 -8.06
CA ARG C 207 -24.70 16.77 -7.30
C ARG C 207 -24.48 16.03 -5.98
N VAL C 208 -23.21 15.94 -5.57
CA VAL C 208 -22.86 15.54 -4.21
C VAL C 208 -22.06 16.62 -3.55
N THR C 209 -22.68 17.28 -2.55
CA THR C 209 -22.24 18.58 -2.05
C THR C 209 -21.85 18.43 -0.62
N LEU C 210 -20.61 18.70 -0.26
CA LEU C 210 -20.23 18.55 1.11
C LEU C 210 -20.26 19.95 1.71
N SER C 211 -20.99 20.14 2.78
CA SER C 211 -20.99 21.40 3.52
C SER C 211 -20.12 21.30 4.80
N THR C 212 -19.34 22.35 5.03
CA THR C 212 -18.44 22.42 6.16
C THR C 212 -18.54 23.75 6.84
N SER C 213 -18.25 23.74 8.12
CA SER C 213 -18.23 24.94 8.94
C SER C 213 -16.87 25.64 8.88
N GLY C 214 -15.89 25.01 8.24
CA GLY C 214 -14.55 25.58 8.11
C GLY C 214 -13.41 24.93 8.86
N VAL C 215 -13.19 23.63 8.67
CA VAL C 215 -12.04 22.96 9.27
C VAL C 215 -10.90 22.96 8.24
N VAL C 216 -10.31 24.15 8.09
CA VAL C 216 -9.33 24.43 7.05
C VAL C 216 -8.37 23.27 6.77
N PRO C 217 -7.64 22.80 7.79
CA PRO C 217 -6.67 21.80 7.41
C PRO C 217 -7.34 20.59 6.80
N ALA C 218 -8.43 20.14 7.41
CA ALA C 218 -9.20 19.04 6.81
C ALA C 218 -9.71 19.32 5.37
N LEU C 219 -10.07 20.58 5.08
CA LEU C 219 -10.43 20.98 3.72
C LEU C 219 -9.29 20.82 2.69
N ASP C 220 -8.07 21.20 3.07
CA ASP C 220 -6.91 20.92 2.27
C ASP C 220 -6.74 19.42 2.06
N LYS C 221 -6.88 18.61 3.11
CA LYS C 221 -6.69 17.16 2.94
C LYS C 221 -7.72 16.62 1.97
N LEU C 222 -8.93 17.13 2.05
CA LEU C 222 -10.03 16.73 1.14
C LEU C 222 -9.75 17.00 -0.34
N GLY C 223 -9.13 18.14 -0.60
CA GLY C 223 -8.71 18.46 -1.93
C GLY C 223 -7.73 17.45 -2.51
N ASP C 224 -6.97 16.72 -1.68
CA ASP C 224 -6.02 15.67 -2.14
C ASP C 224 -6.61 14.25 -2.14
N MET C 225 -7.90 14.12 -1.87
CA MET C 225 -8.53 12.80 -1.79
C MET C 225 -9.72 12.66 -2.71
N ILE C 226 -10.44 13.74 -3.00
CA ILE C 226 -11.64 13.65 -3.80
C ILE C 226 -12.22 15.01 -4.16
N ASP C 227 -12.94 15.06 -5.30
CA ASP C 227 -13.57 16.23 -5.86
C ASP C 227 -15.09 16.14 -5.77
N VAL C 228 -15.69 17.03 -5.01
CA VAL C 228 -17.14 17.06 -4.79
C VAL C 228 -17.54 18.53 -4.69
N ALA C 229 -18.82 18.81 -4.88
CA ALA C 229 -19.30 20.18 -4.80
C ALA C 229 -19.17 20.62 -3.36
N LEU C 230 -18.91 21.91 -3.16
CA LEU C 230 -18.63 22.46 -1.82
C LEU C 230 -19.55 23.61 -1.41
N ALA C 231 -20.10 23.51 -0.21
CA ALA C 231 -20.89 24.62 0.37
C ALA C 231 -20.24 24.95 1.68
N ILE C 232 -20.08 26.23 2.00
CA ILE C 232 -19.45 26.56 3.25
C ILE C 232 -20.45 27.27 4.10
N SER C 233 -20.46 26.88 5.36
CA SER C 233 -21.40 27.43 6.32
C SER C 233 -20.84 28.74 6.87
N LEU C 234 -21.03 29.84 6.13
CA LEU C 234 -20.43 31.13 6.49
C LEU C 234 -21.16 31.93 7.55
N HIS C 235 -22.40 32.33 7.28
CA HIS C 235 -23.32 32.85 8.30
C HIS C 235 -23.05 34.19 8.89
N ALA C 236 -21.93 34.82 8.52
CA ALA C 236 -21.66 36.16 9.02
C ALA C 236 -20.80 36.92 8.01
N PRO C 237 -20.87 38.26 8.04
CA PRO C 237 -19.99 39.09 7.21
C PRO C 237 -18.66 39.47 7.89
N ASN C 238 -18.49 39.18 9.18
CA ASN C 238 -17.20 39.45 9.82
C ASN C 238 -16.93 38.54 10.99
N ASP C 239 -15.65 38.48 11.36
CA ASP C 239 -15.18 37.63 12.45
C ASP C 239 -15.85 37.98 13.82
N GLU C 240 -16.16 39.23 14.09
CA GLU C 240 -16.80 39.57 15.34
C GLU C 240 -18.07 38.75 15.45
N ILE C 241 -18.89 38.77 14.39
CA ILE C 241 -20.14 37.99 14.41
C ILE C 241 -19.97 36.46 14.19
N ARG C 242 -19.08 36.03 13.32
CA ARG C 242 -18.89 34.63 13.17
C ARG C 242 -18.36 34.03 14.47
N ASP C 243 -17.37 34.67 15.10
CA ASP C 243 -16.83 34.18 16.39
C ASP C 243 -17.94 33.80 17.34
N GLU C 244 -18.97 34.63 17.40
CA GLU C 244 -20.10 34.38 18.27
C GLU C 244 -20.92 33.17 17.89
N ILE C 245 -21.28 33.04 16.62
CA ILE C 245 -22.28 32.03 16.27
C ILE C 245 -21.73 30.75 15.63
N VAL C 246 -20.52 30.81 15.09
CA VAL C 246 -19.85 29.64 14.56
C VAL C 246 -18.49 29.64 15.21
N PRO C 247 -18.37 29.07 16.38
CA PRO C 247 -17.19 29.34 17.20
C PRO C 247 -15.85 28.87 16.72
N ILE C 248 -15.87 28.05 15.69
CA ILE C 248 -14.60 27.53 15.19
C ILE C 248 -13.93 28.58 14.39
N ASN C 249 -14.62 29.70 14.19
CA ASN C 249 -14.06 30.84 13.49
C ASN C 249 -12.91 31.45 14.24
N LYS C 250 -12.90 31.18 15.55
CA LYS C 250 -11.85 31.64 16.46
C LYS C 250 -10.55 30.91 16.27
N LYS C 251 -10.60 29.72 15.70
CA LYS C 251 -9.41 28.99 15.33
C LYS C 251 -9.08 29.17 13.85
N TYR C 252 -10.10 29.31 13.00
CA TYR C 252 -9.93 29.51 11.55
C TYR C 252 -10.86 30.61 11.06
N ASN C 253 -10.31 31.79 10.90
CA ASN C 253 -11.15 32.94 10.70
C ASN C 253 -11.55 33.03 9.25
N ILE C 254 -12.43 33.98 8.96
CA ILE C 254 -13.07 34.00 7.67
C ILE C 254 -12.07 33.97 6.51
N GLU C 255 -11.00 34.79 6.58
CA GLU C 255 -10.04 34.90 5.47
C GLU C 255 -9.28 33.62 5.32
N THR C 256 -8.89 33.06 6.44
CA THR C 256 -8.23 31.77 6.40
C THR C 256 -9.05 30.69 5.69
N PHE C 257 -10.35 30.73 5.93
CA PHE C 257 -11.34 29.79 5.38
C PHE C 257 -11.46 30.01 3.89
N LEU C 258 -11.70 31.27 3.50
CA LEU C 258 -11.90 31.62 2.09
C LEU C 258 -10.63 31.33 1.27
N ALA C 259 -9.47 31.43 1.89
CA ALA C 259 -8.25 31.08 1.18
C ALA C 259 -8.22 29.59 0.89
N ALA C 260 -8.66 28.80 1.87
CA ALA C 260 -8.69 27.33 1.74
C ALA C 260 -9.72 26.90 0.71
N VAL C 261 -10.85 27.60 0.70
CA VAL C 261 -11.89 27.38 -0.28
C VAL C 261 -11.35 27.63 -1.67
N ARG C 262 -10.60 28.72 -1.84
CA ARG C 262 -10.06 29.02 -3.16
C ARG C 262 -9.07 27.92 -3.55
N ARG C 263 -8.17 27.56 -2.66
CA ARG C 263 -7.29 26.45 -2.95
C ARG C 263 -8.05 25.21 -3.46
N TYR C 264 -9.24 24.99 -2.92
CA TYR C 264 -10.06 23.86 -3.36
C TYR C 264 -10.71 24.05 -4.73
N LEU C 265 -11.29 25.23 -4.98
CA LEU C 265 -11.94 25.53 -6.26
C LEU C 265 -10.96 25.45 -7.39
N GLU C 266 -9.76 26.00 -7.20
CA GLU C 266 -8.74 26.03 -8.27
C GLU C 266 -8.54 24.63 -8.87
N LYS C 267 -8.64 23.58 -8.05
CA LYS C 267 -8.35 22.22 -8.51
C LYS C 267 -9.61 21.34 -8.64
N SER C 268 -10.72 21.90 -9.12
CA SER C 268 -12.02 21.19 -9.01
C SER C 268 -13.02 21.34 -10.15
N ASN C 269 -13.47 20.20 -10.67
CA ASN C 269 -14.49 20.23 -11.71
C ASN C 269 -15.88 20.29 -11.16
N ALA C 270 -16.07 19.74 -9.97
CA ALA C 270 -17.38 19.64 -9.35
C ALA C 270 -18.02 21.01 -9.11
N ASN C 271 -17.22 21.99 -8.77
CA ASN C 271 -17.78 23.26 -8.36
C ASN C 271 -18.02 24.22 -9.52
N GLN C 272 -17.57 23.87 -10.72
CA GLN C 272 -17.65 24.80 -11.85
C GLN C 272 -17.08 26.19 -11.45
N GLY C 273 -15.96 26.20 -10.73
CA GLY C 273 -15.36 27.42 -10.24
C GLY C 273 -16.12 28.33 -9.26
N ARG C 274 -17.14 27.80 -8.60
CA ARG C 274 -17.90 28.59 -7.62
C ARG C 274 -18.21 27.78 -6.42
N VAL C 275 -18.13 28.40 -5.24
CA VAL C 275 -18.57 27.73 -3.99
C VAL C 275 -19.96 28.21 -3.60
N THR C 276 -20.70 27.37 -2.92
CA THR C 276 -21.99 27.81 -2.45
C THR C 276 -21.83 28.33 -0.99
N ILE C 277 -22.28 29.57 -0.79
CA ILE C 277 -22.18 30.24 0.50
C ILE C 277 -23.49 30.06 1.30
N GLU C 278 -23.39 29.37 2.40
CA GLU C 278 -24.56 29.21 3.19
C GLU C 278 -24.60 30.38 4.17
N TYR C 279 -25.79 30.94 4.36
CA TYR C 279 -25.98 32.06 5.24
C TYR C 279 -27.37 31.98 5.84
N VAL C 280 -27.44 31.57 7.10
CA VAL C 280 -28.68 31.39 7.79
C VAL C 280 -29.12 32.77 8.24
N MET C 281 -30.42 33.01 8.27
CA MET C 281 -30.96 34.33 8.50
C MET C 281 -31.57 34.50 9.91
N LEU C 282 -30.76 35.04 10.79
CA LEU C 282 -31.12 35.17 12.18
C LEU C 282 -31.60 36.56 12.45
N ASP C 283 -32.86 36.66 12.81
CA ASP C 283 -33.53 37.93 12.96
C ASP C 283 -32.82 38.91 13.86
N HIS C 284 -32.39 40.03 13.29
CA HIS C 284 -31.72 41.16 13.98
C HIS C 284 -30.36 40.81 14.57
N VAL C 285 -29.72 39.80 14.00
CA VAL C 285 -28.36 39.38 14.42
C VAL C 285 -27.37 39.54 13.26
N ASN C 286 -27.77 39.08 12.07
CA ASN C 286 -26.94 39.13 10.86
C ASN C 286 -27.66 39.35 9.56
N ASP C 287 -28.91 39.82 9.62
CA ASP C 287 -29.81 39.91 8.46
C ASP C 287 -30.28 41.30 8.10
N GLY C 288 -29.50 42.32 8.45
CA GLY C 288 -29.81 43.71 8.12
C GLY C 288 -29.14 44.09 6.81
N THR C 289 -29.54 45.21 6.21
CA THR C 289 -28.93 45.56 4.93
C THR C 289 -27.48 46.05 5.13
N GLU C 290 -27.16 46.55 6.30
CA GLU C 290 -25.79 46.84 6.65
C GLU C 290 -24.94 45.59 6.39
N HIS C 291 -25.47 44.42 6.79
CA HIS C 291 -24.69 43.16 6.78
C HIS C 291 -24.47 42.61 5.37
N ALA C 292 -25.49 42.81 4.51
CA ALA C 292 -25.41 42.48 3.10
C ALA C 292 -24.34 43.30 2.43
N HIS C 293 -24.31 44.59 2.74
CA HIS C 293 -23.29 45.44 2.14
C HIS C 293 -21.91 44.88 2.48
N GLN C 294 -21.71 44.64 3.77
CA GLN C 294 -20.50 43.99 4.25
C GLN C 294 -20.23 42.64 3.60
N LEU C 295 -21.26 41.83 3.42
CA LEU C 295 -21.10 40.50 2.89
C LEU C 295 -20.61 40.50 1.43
N ALA C 296 -21.29 41.28 0.60
CA ALA C 296 -20.87 41.51 -0.77
C ALA C 296 -19.41 41.91 -0.86
N GLU C 297 -18.99 42.81 0.03
CA GLU C 297 -17.62 43.27 0.04
C GLU C 297 -16.73 42.08 0.37
N LEU C 298 -17.10 41.37 1.42
CA LEU C 298 -16.31 40.27 1.89
C LEU C 298 -16.06 39.22 0.80
N LEU C 299 -17.07 39.00 -0.02
CA LEU C 299 -17.02 37.94 -1.03
C LEU C 299 -16.59 38.41 -2.41
N LYS C 300 -16.01 39.60 -2.48
CA LYS C 300 -15.71 40.18 -3.78
C LYS C 300 -14.53 39.47 -4.49
N ASP C 301 -13.73 38.70 -3.74
CA ASP C 301 -12.57 37.98 -4.31
C ASP C 301 -12.78 36.48 -4.23
N THR C 302 -14.02 36.08 -4.01
CA THR C 302 -14.32 34.67 -3.89
C THR C 302 -15.46 34.33 -4.85
N PRO C 303 -15.12 33.80 -6.02
CA PRO C 303 -16.21 33.50 -6.95
C PRO C 303 -17.19 32.43 -6.36
N CYS C 304 -18.48 32.67 -6.47
CA CYS C 304 -19.40 31.99 -5.61
C CYS C 304 -20.86 32.24 -6.02
N LYS C 305 -21.75 31.59 -5.28
CA LYS C 305 -23.19 31.81 -5.35
C LYS C 305 -23.69 31.81 -3.92
N ILE C 306 -24.70 32.61 -3.64
CA ILE C 306 -25.25 32.69 -2.28
C ILE C 306 -26.61 31.96 -1.99
N ASN C 307 -26.63 31.16 -0.91
CA ASN C 307 -27.81 30.52 -0.45
C ASN C 307 -28.27 30.99 0.93
N LEU C 308 -29.32 31.80 0.97
CA LEU C 308 -29.88 32.22 2.22
C LEU C 308 -30.77 31.12 2.80
N ILE C 309 -30.55 30.75 4.06
CA ILE C 309 -31.35 29.77 4.70
C ILE C 309 -32.12 30.40 5.83
N PRO C 310 -33.42 30.52 5.69
CA PRO C 310 -34.18 31.06 6.83
C PRO C 310 -34.04 30.16 8.05
N TRP C 311 -33.82 30.76 9.22
CA TRP C 311 -33.45 29.94 10.40
C TRP C 311 -34.61 29.01 10.74
N ASN C 312 -34.30 27.79 11.11
CA ASN C 312 -35.35 26.81 11.46
C ASN C 312 -35.28 26.65 12.95
N PRO C 313 -36.38 26.86 13.67
CA PRO C 313 -36.29 26.83 15.15
C PRO C 313 -36.05 25.46 15.80
N PHE C 314 -35.51 25.48 17.01
CA PHE C 314 -35.33 24.27 17.78
C PHE C 314 -35.48 24.68 19.23
N PRO C 315 -35.86 23.75 20.10
CA PRO C 315 -36.19 24.07 21.50
C PRO C 315 -35.23 25.01 22.26
N GLY C 316 -35.79 26.01 22.91
CA GLY C 316 -35.06 26.87 23.84
C GLY C 316 -33.83 27.58 23.31
N ALA C 317 -33.86 27.98 22.04
CA ALA C 317 -32.76 28.70 21.44
C ALA C 317 -33.11 30.15 21.55
N PRO C 318 -32.11 31.04 21.55
CA PRO C 318 -32.39 32.47 21.73
C PRO C 318 -32.74 33.24 20.48
N TYR C 319 -32.78 32.57 19.33
CA TYR C 319 -32.87 33.25 18.04
C TYR C 319 -34.29 33.22 17.48
N GLY C 320 -34.54 34.07 16.49
CA GLY C 320 -35.77 34.11 15.71
C GLY C 320 -35.45 34.08 14.22
N ARG C 321 -36.43 33.66 13.44
CA ARG C 321 -36.28 33.50 12.00
C ARG C 321 -36.41 34.86 11.40
N SER C 322 -35.53 35.28 10.50
CA SER C 322 -35.71 36.60 9.88
C SER C 322 -37.12 36.66 9.30
N SER C 323 -37.74 37.84 9.34
CA SER C 323 -39.00 37.99 8.63
C SER C 323 -38.78 37.84 7.13
N ASN C 324 -39.85 37.69 6.37
CA ASN C 324 -39.72 37.54 4.93
C ASN C 324 -39.30 38.79 4.26
N SER C 325 -39.80 39.91 4.75
CA SER C 325 -39.42 41.20 4.19
C SER C 325 -37.98 41.56 4.49
N ARG C 326 -37.49 41.17 5.67
CA ARG C 326 -36.06 41.37 6.00
C ARG C 326 -35.26 40.49 5.04
N ILE C 327 -35.56 39.20 5.00
CA ILE C 327 -34.83 38.33 4.10
C ILE C 327 -34.83 38.92 2.67
N ASP C 328 -35.99 39.38 2.21
CA ASP C 328 -36.15 39.78 0.82
C ASP C 328 -35.29 41.02 0.51
N ARG C 329 -35.36 42.03 1.38
CA ARG C 329 -34.49 43.20 1.28
C ARG C 329 -33.03 42.80 1.21
N PHE C 330 -32.64 41.85 2.06
CA PHE C 330 -31.25 41.37 2.19
C PHE C 330 -30.77 40.82 0.86
N SER C 331 -31.58 39.95 0.27
CA SER C 331 -31.25 39.34 -1.00
C SER C 331 -31.20 40.36 -2.09
N LYS C 332 -32.00 41.42 -2.01
CA LYS C 332 -31.96 42.42 -3.07
C LYS C 332 -30.71 43.29 -3.03
N VAL C 333 -30.21 43.58 -1.85
CA VAL C 333 -28.90 44.22 -1.79
C VAL C 333 -27.92 43.31 -2.47
N LEU C 334 -27.87 42.07 -2.00
CA LEU C 334 -26.94 41.08 -2.57
C LEU C 334 -26.98 41.01 -4.09
N MET C 335 -28.18 41.03 -4.64
CA MET C 335 -28.41 40.94 -6.08
C MET C 335 -27.88 42.14 -6.75
N SER C 336 -28.07 43.28 -6.10
CA SER C 336 -27.57 44.50 -6.67
C SER C 336 -26.04 44.55 -6.81
N TYR C 337 -25.24 43.66 -6.20
CA TYR C 337 -23.80 43.55 -6.57
C TYR C 337 -23.59 42.36 -7.49
N GLY C 338 -24.67 41.79 -8.01
CA GLY C 338 -24.56 40.77 -9.06
C GLY C 338 -24.20 39.37 -8.62
N PHE C 339 -24.53 39.04 -7.37
CA PHE C 339 -24.38 37.68 -6.88
C PHE C 339 -25.61 36.89 -7.21
N THR C 340 -25.47 35.70 -7.75
CA THR C 340 -26.64 34.80 -7.75
C THR C 340 -27.04 34.46 -6.33
N THR C 341 -28.25 34.81 -5.97
CA THR C 341 -28.73 34.71 -4.60
C THR C 341 -30.09 34.03 -4.49
N ILE C 342 -30.08 32.80 -3.98
CA ILE C 342 -31.28 32.01 -3.83
C ILE C 342 -31.55 31.80 -2.38
N VAL C 343 -32.83 31.93 -2.00
CA VAL C 343 -33.31 31.56 -0.69
C VAL C 343 -33.75 30.12 -0.65
N ARG C 344 -33.16 29.35 0.27
CA ARG C 344 -33.35 27.90 0.33
C ARG C 344 -34.73 27.63 0.84
N LYS C 345 -35.49 26.82 0.10
CA LYS C 345 -36.88 26.54 0.47
C LYS C 345 -36.85 25.68 1.71
N THR C 346 -37.63 26.06 2.71
CA THR C 346 -37.71 25.35 3.99
C THR C 346 -38.42 24.02 3.82
N ARG C 347 -37.74 22.93 4.11
CA ARG C 347 -38.35 21.62 3.89
C ARG C 347 -38.18 20.64 5.03
N GLY C 348 -39.32 20.13 5.47
CA GLY C 348 -39.38 19.18 6.57
C GLY C 348 -39.66 19.86 7.89
N ASP C 349 -39.77 21.20 7.91
CA ASP C 349 -40.00 21.94 9.16
C ASP C 349 -41.03 21.31 10.11
N ASP C 350 -42.12 20.79 9.55
CA ASP C 350 -43.26 20.26 10.33
C ASP C 350 -42.94 18.96 11.00
N ILE C 351 -41.75 18.38 10.71
CA ILE C 351 -41.25 17.15 11.34
C ILE C 351 -39.80 17.29 11.83
N ASP C 352 -39.41 18.52 12.11
CA ASP C 352 -38.04 18.77 12.54
C ASP C 352 -36.98 18.03 11.66
N ALA C 353 -37.20 18.07 10.34
CA ALA C 353 -36.24 17.57 9.35
C ALA C 353 -35.55 18.66 8.53
N ALA C 354 -35.93 19.92 8.71
CA ALA C 354 -35.31 21.02 8.03
C ALA C 354 -33.94 21.24 8.59
N SMC C 355 -33.00 21.73 7.76
CA SMC C 355 -31.57 21.88 8.12
CB SMC C 355 -30.80 22.70 7.07
SG SMC C 355 -31.09 22.24 5.39
CS SMC C 355 -30.32 20.63 5.16
C SMC C 355 -31.35 22.49 9.51
O SMC C 355 -32.00 23.49 9.89
N GLY C 356 -30.44 21.93 10.28
CA GLY C 356 -30.27 22.41 11.63
C GLY C 356 -31.24 21.81 12.64
N GLN C 357 -32.31 21.17 12.19
CA GLN C 357 -33.29 20.71 13.15
C GLN C 357 -33.01 19.29 13.62
N LEU C 358 -32.08 18.58 12.95
CA LEU C 358 -31.87 17.13 13.15
C LEU C 358 -31.07 16.94 14.37
N ALA C 359 -31.67 16.40 15.40
CA ALA C 359 -31.04 16.55 16.63
C ALA C 359 -31.41 15.52 17.55
N GLY C 360 -30.94 14.30 17.31
CA GLY C 360 -31.17 13.26 18.34
C GLY C 360 -31.08 12.03 17.55
N ASP C 361 -30.74 10.87 18.14
CA ASP C 361 -30.67 10.55 19.59
C ASP C 361 -29.24 10.23 20.08
N VAL C 362 -28.70 11.05 20.99
CA VAL C 362 -27.27 11.11 21.29
C VAL C 362 -26.90 11.02 22.75
N ILE C 363 -25.80 10.32 23.01
CA ILE C 363 -25.20 10.23 24.32
C ILE C 363 -23.98 11.12 24.31
N ASP C 364 -24.10 12.30 24.92
CA ASP C 364 -22.99 13.25 24.82
C ASP C 364 -21.78 12.87 25.67
N ARG C 365 -20.69 12.51 25.01
CA ARG C 365 -19.48 12.13 25.72
C ARG C 365 -18.63 13.32 26.15
N THR C 366 -19.03 14.56 25.84
CA THR C 366 -18.20 15.76 26.08
C THR C 366 -18.56 16.57 27.31
N LYS C 367 -19.38 16.00 28.20
CA LYS C 367 -19.96 16.74 29.32
C LYS C 367 -20.43 18.11 28.94
N ARG C 368 -21.09 18.27 27.80
CA ARG C 368 -21.61 19.57 27.39
C ARG C 368 -22.51 20.22 28.47
N THR C 369 -23.26 19.41 29.23
CA THR C 369 -24.18 19.90 30.27
C THR C 369 -23.48 20.87 31.24
N LEU C 370 -22.60 20.30 32.08
CA LEU C 370 -21.92 21.09 33.09
C LEU C 370 -21.28 22.28 32.35
N ARG C 371 -20.24 22.03 31.58
CA ARG C 371 -19.50 23.13 30.92
C ARG C 371 -20.30 24.44 30.63
N MET E . 28.32 -22.41 -6.43
CA MET E . 27.06 -22.29 -5.60
C MET E . 26.25 -23.50 -5.98
O MET E . 26.71 -24.16 -6.96
CB MET E . 26.26 -21.02 -5.94
CG MET E . 26.26 -20.61 -7.43
SD MET E . 26.53 -21.98 -8.60
CE MET E . 26.70 -21.23 -10.22
OXT MET E . 25.19 -23.78 -5.38
FE1 SF4 F . 29.42 -23.36 -10.93
FE2 SF4 F . 29.81 -25.77 -9.15
FE3 SF4 F . 28.32 -23.41 -8.07
FE4 SF4 F . 31.29 -23.23 -8.57
S1 SF4 F . 30.04 -24.52 -7.47
S2 SF4 F . 29.62 -22.11 -9.25
S3 SF4 F . 31.08 -24.44 -10.27
S4 SF4 F . 28.14 -24.63 -9.83
N1 5AD G . 22.29 -24.19 -16.02
C2 5AD G . 21.44 -24.26 -15.00
N3 5AD G . 21.86 -24.25 -13.73
C4 5AD G . 23.13 -24.19 -13.38
N9 5AD G . 23.76 -24.16 -12.24
C8 5AD G . 25.09 -24.11 -12.44
N7 5AD G . 25.33 -24.09 -13.77
C5 5AD G . 24.13 -24.14 -14.42
C6 5AD G . 23.62 -24.12 -15.84
N6 5AD G . 24.43 -24.05 -16.92
C1' 5AD G . 23.03 -24.24 -10.96
C2' 5AD G . 23.93 -24.33 -9.75
C3' 5AD G . 22.99 -23.88 -8.65
C4' 5AD G . 22.12 -22.85 -9.33
C5' 5AD G . 22.69 -21.48 -9.04
O4' 5AD G . 22.24 -23.07 -10.74
O2' 5AD G . 24.42 -25.68 -9.67
O3' 5AD G . 22.14 -24.92 -8.14
MG MG H . 16.00 -8.30 9.24
MG MG I . 10.19 -19.63 2.50
MG MG J . 12.35 5.54 17.33
MG MG K . 5.42 11.74 11.70
N MET L . -21.84 20.82 10.11
CA MET L . -21.78 21.12 8.64
C MET L . -22.08 22.60 8.48
O MET L . -22.53 23.19 9.49
CB MET L . -22.79 20.25 7.81
CG MET L . -24.18 20.12 8.40
SD MET L . -24.53 21.46 9.54
CE MET L . -26.02 20.89 10.37
OXT MET L . -21.89 23.17 7.40
FE1 SF4 M . -22.91 21.98 11.16
FE2 SF4 M . -24.69 22.13 13.58
FE3 SF4 M . -22.19 23.77 13.53
FE4 SF4 M . -21.98 20.87 13.84
S1 SF4 M . -23.05 22.34 14.87
S2 SF4 M . -21.23 22.27 12.44
S3 SF4 M . -23.68 20.57 12.64
S4 SF4 M . -23.85 23.54 12.27
N1 5AD N . -31.65 26.63 10.69
C2 5AD N . -31.21 26.73 9.42
N3 5AD N . -29.99 26.33 9.00
C4 5AD N . -29.13 25.79 9.85
N9 5AD N . -27.91 25.30 9.73
C8 5AD N . -27.48 24.87 10.91
N7 5AD N . -28.45 25.08 11.83
C5 5AD N . -29.51 25.65 11.23
C6 5AD N . -30.87 26.10 11.64
N6 5AD N . -31.33 25.99 12.91
C1' 5AD N . -27.18 25.30 8.48
C2' 5AD N . -25.78 24.78 8.67
C3' 5AD N . -25.40 24.56 7.22
C4' 5AD N . -26.71 24.07 6.62
C5' 5AD N . -26.62 22.55 6.49
O4' 5AD N . -27.78 24.46 7.52
O2' 5AD N . -24.94 25.71 9.36
O3' 5AD N . -24.93 25.76 6.59
MG MG O . -20.46 9.20 -11.40
MG MG P . -23.72 23.17 -10.06
#